data_5EJJ
#
_entry.id   5EJJ
#
_cell.length_a   77.531
_cell.length_b   149.808
_cell.length_c   226.420
_cell.angle_alpha   90.00
_cell.angle_beta   90.00
_cell.angle_gamma   90.00
#
_symmetry.space_group_name_H-M   'P 21 21 21'
#
loop_
_entity.id
_entity.type
_entity.pdbx_description
1 polymer 'Ufm1-specific protease'
2 water water
#
_entity_poly.entity_id   1
_entity_poly.type   'polypeptide(L)'
_entity_poly.pdbx_seq_one_letter_code
;NELWFIDAQAMFQNYANLRSFSKSNANEINTTIGGFVFGRKARKQVIHVLFAYAEDLTESNRQFLESSLSADIELVGNLN
IDGQSQILPGGQFTLQLTSRMLENRSISEFLDMNVMFNNEHVLMEGASCVSRVGYEWSLRAGREQEDVKSAAERLSMASF
RFTYLNAEHGLVIREQKPEAAQQKYLDKFSKGAVPYKDVIEFTAMQSLTRDTSNDTEDQKLVPTVKVTKDNKHFTRLVTI
GEVVFPAFFGDSSLDLYKRSREAFNRRANNTMMVTVNGIRAGRGVTTTTSATYLPPGWVSLLHLQLPTKWTDNEQRNYRI
RLHKLFNLPSSKPVLRLSQALALHSESARLTNKKLIREPHLSITNYQPVGEITTVNGPYNYHHYMQDGIDDSGWGCAYRS
FQTIWSWFILNGYTDKPVPSHREIQQALVDIQDKQAKFVGSRQWIGSTEISFVLNELLKLECRFIATNSGAEVVERVREL
ARHFETSGTPVMIGGNMLAHTILGVDFNDTTGETKFLVLDPHYTGSEDIKTITSKGWCAWKPASFWSKDHFYNMVLPQPP
SDAI
;
_entity_poly.pdbx_strand_id   A,B
#
# COMPACT_ATOMS: atom_id res chain seq x y z
N ASN A 1 -48.37 21.71 -40.95
CA ASN A 1 -48.45 20.31 -40.50
C ASN A 1 -47.29 19.43 -40.99
N GLU A 2 -46.26 19.33 -40.19
CA GLU A 2 -45.05 18.62 -40.55
C GLU A 2 -44.32 18.27 -39.25
N LEU A 3 -43.72 17.09 -39.18
CA LEU A 3 -43.06 16.69 -37.94
C LEU A 3 -41.58 17.02 -37.91
N TRP A 4 -41.18 17.80 -36.93
CA TRP A 4 -39.79 18.03 -36.66
C TRP A 4 -39.44 17.25 -35.42
N PHE A 5 -38.18 16.84 -35.35
CA PHE A 5 -37.68 16.11 -34.21
C PHE A 5 -36.54 16.87 -33.60
N ILE A 6 -36.46 16.81 -32.28
CA ILE A 6 -35.42 17.52 -31.57
C ILE A 6 -35.01 16.76 -30.31
N ASP A 7 -33.76 16.94 -29.89
CA ASP A 7 -33.35 16.43 -28.60
C ASP A 7 -33.42 17.57 -27.60
N ALA A 8 -34.57 17.70 -26.93
CA ALA A 8 -34.78 18.77 -25.96
C ALA A 8 -33.79 18.77 -24.77
N GLN A 9 -33.41 17.61 -24.26
CA GLN A 9 -32.43 17.57 -23.16
C GLN A 9 -31.18 18.29 -23.60
N ALA A 10 -30.70 17.89 -24.78
CA ALA A 10 -29.47 18.42 -25.36
C ALA A 10 -29.55 19.94 -25.44
N MET A 11 -30.68 20.43 -25.97
CA MET A 11 -30.99 21.87 -26.01
C MET A 11 -30.88 22.54 -24.66
N PHE A 12 -31.60 22.03 -23.66
CA PHE A 12 -31.58 22.56 -22.29
C PHE A 12 -30.16 22.65 -21.76
N GLN A 13 -29.41 21.58 -21.96
CA GLN A 13 -28.03 21.56 -21.55
C GLN A 13 -27.20 22.64 -22.24
N ASN A 14 -27.56 23.00 -23.46
CA ASN A 14 -26.80 24.03 -24.14
C ASN A 14 -27.05 25.37 -23.48
N TYR A 15 -28.33 25.68 -23.23
CA TYR A 15 -28.71 26.88 -22.49
C TYR A 15 -28.01 26.91 -21.14
N ALA A 16 -27.99 25.75 -20.51
CA ALA A 16 -27.26 25.58 -19.26
C ALA A 16 -25.85 26.09 -19.44
N ASN A 17 -25.15 25.61 -20.47
CA ASN A 17 -23.73 25.94 -20.63
C ASN A 17 -23.45 27.42 -20.92
N LEU A 18 -24.29 28.05 -21.73
CA LEU A 18 -24.11 29.45 -22.05
C LEU A 18 -24.26 30.24 -20.76
N ARG A 19 -25.35 29.93 -20.06
CA ARG A 19 -25.68 30.56 -18.79
C ARG A 19 -24.46 30.53 -17.88
N SER A 20 -23.91 29.33 -17.67
CA SER A 20 -22.62 29.17 -17.00
C SER A 20 -21.64 30.23 -17.49
N THR A 31 -27.33 41.49 -22.87
CA THR A 31 -28.62 41.66 -22.19
C THR A 31 -29.42 40.35 -22.17
N THR A 32 -30.37 40.23 -23.10
CA THR A 32 -31.20 39.04 -23.23
C THR A 32 -30.48 37.91 -23.99
N ILE A 33 -31.20 36.83 -24.26
CA ILE A 33 -30.64 35.67 -24.92
C ILE A 33 -31.55 35.15 -26.03
N GLY A 34 -30.97 34.93 -27.21
CA GLY A 34 -31.70 34.38 -28.35
C GLY A 34 -30.92 33.20 -28.88
N GLY A 35 -31.14 32.81 -30.13
CA GLY A 35 -30.26 31.80 -30.72
C GLY A 35 -30.60 31.23 -32.08
N PHE A 36 -29.70 30.38 -32.59
CA PHE A 36 -29.93 29.71 -33.88
C PHE A 36 -30.17 28.20 -33.73
N VAL A 37 -30.93 27.64 -34.68
CA VAL A 37 -31.28 26.23 -34.69
C VAL A 37 -30.78 25.55 -35.98
N PHE A 38 -29.89 24.58 -35.81
CA PHE A 38 -29.21 23.96 -36.94
C PHE A 38 -29.67 22.52 -37.02
N GLY A 39 -29.75 21.98 -38.23
CA GLY A 39 -30.32 20.66 -38.37
C GLY A 39 -30.27 20.09 -39.76
N ARG A 40 -30.78 18.87 -39.89
CA ARG A 40 -30.89 18.19 -41.16
C ARG A 40 -32.25 18.50 -41.78
N LYS A 41 -32.27 19.50 -42.67
CA LYS A 41 -33.49 20.07 -43.22
C LYS A 41 -34.41 19.09 -43.91
N ALA A 42 -33.86 18.13 -44.62
CA ALA A 42 -34.71 17.22 -45.38
C ALA A 42 -35.51 16.35 -44.43
N ARG A 43 -34.83 15.76 -43.44
CA ARG A 43 -35.52 14.86 -42.53
C ARG A 43 -36.08 15.56 -41.29
N LYS A 44 -36.11 16.88 -41.35
CA LYS A 44 -36.74 17.71 -40.32
C LYS A 44 -36.31 17.29 -38.93
N GLN A 45 -34.98 17.24 -38.74
CA GLN A 45 -34.37 16.79 -37.50
C GLN A 45 -33.37 17.82 -36.97
N VAL A 46 -33.64 18.41 -35.81
CA VAL A 46 -32.76 19.44 -35.28
C VAL A 46 -31.53 18.80 -34.65
N ILE A 47 -30.33 19.26 -34.96
CA ILE A 47 -29.15 18.63 -34.38
C ILE A 47 -28.47 19.51 -33.34
N HIS A 48 -28.43 20.83 -33.56
CA HIS A 48 -27.74 21.75 -32.67
C HIS A 48 -28.62 22.97 -32.37
N VAL A 49 -28.90 23.22 -31.10
CA VAL A 49 -29.52 24.46 -30.73
C VAL A 49 -28.48 25.35 -30.06
N LEU A 50 -28.15 26.46 -30.72
CA LEU A 50 -27.10 27.31 -30.18
C LEU A 50 -27.63 28.64 -29.63
N PHE A 51 -27.46 28.85 -28.33
CA PHE A 51 -27.93 30.05 -27.67
C PHE A 51 -26.87 31.15 -27.72
N ALA A 52 -27.33 32.41 -27.74
CA ALA A 52 -26.44 33.56 -27.76
C ALA A 52 -27.11 34.81 -27.19
N TYR A 53 -26.32 35.63 -26.49
CA TYR A 53 -26.74 36.96 -26.07
C TYR A 53 -26.86 37.87 -27.29
N ALA A 54 -27.61 38.96 -27.18
CA ALA A 54 -27.98 39.76 -28.34
C ALA A 54 -26.82 40.29 -29.15
N GLU A 55 -25.67 40.53 -28.51
CA GLU A 55 -24.47 40.97 -29.26
C GLU A 55 -24.18 39.99 -30.37
N ASP A 56 -24.19 38.70 -30.02
CA ASP A 56 -23.71 37.67 -30.91
C ASP A 56 -24.77 37.14 -31.87
N LEU A 57 -25.96 37.73 -31.86
CA LEU A 57 -26.98 37.34 -32.84
C LEU A 57 -26.81 38.06 -34.18
N THR A 58 -25.55 38.34 -34.52
CA THR A 58 -25.15 38.94 -35.78
C THR A 58 -25.12 37.92 -36.91
N GLU A 59 -25.44 38.37 -38.11
CA GLU A 59 -25.24 37.57 -39.32
C GLU A 59 -23.82 37.06 -39.46
N SER A 60 -22.85 37.82 -38.93
CA SER A 60 -21.45 37.41 -38.99
C SER A 60 -21.20 36.13 -38.20
N ASN A 61 -21.79 36.06 -37.00
CA ASN A 61 -21.63 34.87 -36.18
C ASN A 61 -22.47 33.71 -36.68
N ARG A 62 -23.59 33.99 -37.32
CA ARG A 62 -24.40 32.91 -37.85
C ARG A 62 -23.57 32.16 -38.86
N GLN A 63 -22.93 32.91 -39.74
CA GLN A 63 -22.08 32.32 -40.77
C GLN A 63 -20.87 31.63 -40.17
N PHE A 64 -20.34 32.14 -39.06
CA PHE A 64 -19.24 31.41 -38.44
C PHE A 64 -19.71 30.06 -37.90
N LEU A 65 -20.86 30.05 -37.25
CA LEU A 65 -21.40 28.81 -36.71
C LEU A 65 -21.56 27.76 -37.78
N GLU A 66 -22.31 28.10 -38.84
CA GLU A 66 -22.68 27.14 -39.88
C GLU A 66 -21.43 26.55 -40.56
N SER A 67 -20.37 27.35 -40.69
CA SER A 67 -19.19 26.87 -41.38
C SER A 67 -18.45 25.85 -40.51
N SER A 68 -18.84 25.79 -39.25
CA SER A 68 -18.15 24.92 -38.31
C SER A 68 -18.86 23.60 -38.07
N LEU A 69 -20.08 23.49 -38.57
CA LEU A 69 -20.87 22.27 -38.42
C LEU A 69 -20.69 21.37 -39.64
N SER A 70 -21.06 20.10 -39.47
CA SER A 70 -20.93 19.12 -40.54
C SER A 70 -21.79 19.48 -41.71
N ALA A 71 -21.30 19.13 -42.88
CA ALA A 71 -21.80 19.61 -44.16
C ALA A 71 -23.28 19.27 -44.41
N ASP A 72 -23.79 18.21 -43.79
CA ASP A 72 -25.19 17.86 -43.98
C ASP A 72 -26.17 18.70 -43.14
N ILE A 73 -25.61 19.59 -42.32
CA ILE A 73 -26.38 20.34 -41.37
C ILE A 73 -26.41 21.81 -41.76
N GLU A 74 -27.57 22.43 -41.67
CA GLU A 74 -27.67 23.86 -41.95
C GLU A 74 -28.62 24.55 -41.01
N LEU A 75 -28.68 25.86 -41.11
CA LEU A 75 -29.65 26.67 -40.41
C LEU A 75 -31.07 26.27 -40.77
N VAL A 76 -31.87 25.90 -39.78
CA VAL A 76 -33.27 25.49 -40.05
C VAL A 76 -34.25 26.40 -39.35
N GLY A 77 -33.79 27.16 -38.36
CA GLY A 77 -34.66 28.07 -37.63
C GLY A 77 -33.94 28.87 -36.57
N ASN A 78 -34.70 29.65 -35.81
CA ASN A 78 -34.15 30.39 -34.66
C ASN A 78 -35.08 30.26 -33.46
N LEU A 79 -34.75 30.96 -32.39
CA LEU A 79 -35.52 30.78 -31.18
C LEU A 79 -35.78 32.09 -30.48
N ASN A 80 -36.93 32.15 -29.81
CA ASN A 80 -37.34 33.31 -29.04
C ASN A 80 -37.62 32.92 -27.60
N ILE A 81 -36.85 33.48 -26.66
CA ILE A 81 -37.05 33.18 -25.25
C ILE A 81 -37.87 34.25 -24.51
N ASP A 82 -39.01 33.84 -23.97
CA ASP A 82 -39.88 34.72 -23.20
C ASP A 82 -40.43 35.86 -24.03
N GLY A 83 -40.51 35.65 -25.34
CA GLY A 83 -41.01 36.66 -26.25
C GLY A 83 -40.20 37.94 -26.31
N GLN A 84 -39.09 38.00 -25.57
CA GLN A 84 -38.32 39.23 -25.53
C GLN A 84 -36.84 39.03 -25.82
N SER A 85 -36.55 38.41 -26.96
CA SER A 85 -35.16 38.24 -27.38
C SER A 85 -35.01 38.72 -28.81
N GLN A 86 -33.80 39.08 -29.22
CA GLN A 86 -33.63 39.60 -30.57
C GLN A 86 -33.72 38.50 -31.62
N ILE A 87 -34.43 38.77 -32.71
CA ILE A 87 -34.64 37.75 -33.72
C ILE A 87 -33.99 38.14 -35.04
N LEU A 88 -33.22 37.21 -35.60
CA LEU A 88 -32.48 37.43 -36.83
C LEU A 88 -33.01 36.46 -37.87
N PRO A 89 -33.80 36.95 -38.83
CA PRO A 89 -34.40 36.01 -39.80
C PRO A 89 -33.31 35.42 -40.69
N GLY A 90 -33.30 34.12 -40.91
CA GLY A 90 -34.21 33.18 -40.30
C GLY A 90 -34.16 31.90 -41.09
N GLY A 91 -34.51 30.80 -40.47
CA GLY A 91 -34.76 29.59 -41.25
C GLY A 91 -36.24 29.50 -41.56
N GLN A 92 -36.90 28.40 -41.20
CA GLN A 92 -38.28 28.19 -41.56
C GLN A 92 -39.20 27.95 -40.35
N PHE A 93 -38.69 28.21 -39.14
CA PHE A 93 -39.54 28.23 -37.94
C PHE A 93 -38.87 28.98 -36.79
N THR A 94 -39.64 29.23 -35.74
CA THR A 94 -39.07 29.75 -34.49
C THR A 94 -39.49 28.94 -33.27
N LEU A 95 -38.51 28.49 -32.49
CA LEU A 95 -38.84 27.82 -31.23
C LEU A 95 -39.34 28.87 -30.25
N GLN A 96 -40.43 28.56 -29.55
CA GLN A 96 -40.90 29.43 -28.49
C GLN A 96 -40.44 28.87 -27.16
N LEU A 97 -39.77 29.70 -26.38
CA LEU A 97 -39.13 29.23 -25.17
C LEU A 97 -39.39 30.18 -24.01
N THR A 98 -39.30 29.64 -22.79
CA THR A 98 -39.43 30.44 -21.58
C THR A 98 -38.23 30.12 -20.70
N SER A 99 -37.90 31.03 -19.79
CA SER A 99 -36.77 30.82 -18.89
C SER A 99 -37.13 29.79 -17.82
N ARG A 100 -38.44 29.68 -17.55
CA ARG A 100 -38.96 28.69 -16.63
C ARG A 100 -38.60 27.34 -17.22
N MET A 101 -39.11 27.10 -18.43
CA MET A 101 -38.94 25.87 -19.18
C MET A 101 -37.49 25.45 -19.23
N LEU A 102 -36.64 26.41 -19.60
CA LEU A 102 -35.22 26.17 -19.75
C LEU A 102 -34.53 25.75 -18.46
N GLU A 103 -34.74 26.52 -17.40
CA GLU A 103 -34.02 26.27 -16.17
C GLU A 103 -34.56 25.03 -15.45
N ASN A 104 -35.85 24.79 -15.55
CA ASN A 104 -36.45 23.57 -15.00
C ASN A 104 -36.24 22.34 -15.87
N ARG A 105 -35.94 22.59 -17.15
CA ARG A 105 -35.78 21.55 -18.15
C ARG A 105 -37.05 20.73 -18.32
N SER A 106 -38.14 21.40 -18.68
CA SER A 106 -39.40 20.71 -18.88
C SER A 106 -39.71 20.32 -20.32
N ILE A 107 -39.42 19.07 -20.68
CA ILE A 107 -39.84 18.55 -21.99
C ILE A 107 -41.34 18.72 -22.04
N SER A 108 -41.93 18.51 -20.86
CA SER A 108 -43.33 18.71 -20.56
C SER A 108 -43.84 20.08 -21.19
N GLU A 109 -43.23 21.19 -20.78
CA GLU A 109 -43.67 22.53 -21.23
C GLU A 109 -43.31 22.84 -22.68
N PHE A 110 -42.14 22.35 -23.11
CA PHE A 110 -41.62 22.60 -24.46
C PHE A 110 -42.54 22.05 -25.55
N LEU A 111 -43.15 20.91 -25.31
CA LEU A 111 -44.05 20.34 -26.30
C LEU A 111 -45.33 21.15 -26.52
N ASP A 112 -45.80 21.83 -25.47
CA ASP A 112 -47.06 22.58 -25.52
C ASP A 112 -46.90 23.90 -26.24
N MET A 113 -45.71 24.46 -26.11
CA MET A 113 -45.37 25.71 -26.75
C MET A 113 -44.95 25.54 -28.22
N ASN A 114 -44.69 24.29 -28.64
CA ASN A 114 -44.12 24.02 -29.97
C ASN A 114 -44.71 22.77 -30.66
N VAL A 115 -45.97 22.89 -31.10
CA VAL A 115 -46.77 21.73 -31.50
C VAL A 115 -46.17 20.83 -32.59
N MET A 116 -45.41 21.40 -33.51
CA MET A 116 -44.91 20.56 -34.57
C MET A 116 -43.63 19.79 -34.22
N PHE A 117 -43.08 20.04 -33.03
CA PHE A 117 -41.88 19.31 -32.61
C PHE A 117 -42.14 18.08 -31.76
N ASN A 118 -41.27 17.09 -31.90
CA ASN A 118 -41.30 15.87 -31.10
C ASN A 118 -39.97 15.65 -30.41
N ASN A 119 -39.98 15.43 -29.10
CA ASN A 119 -38.74 15.09 -28.39
C ASN A 119 -38.15 13.73 -28.74
N GLU A 120 -36.83 13.65 -28.86
CA GLU A 120 -36.22 12.42 -29.30
C GLU A 120 -34.77 12.43 -28.91
N HIS A 121 -34.24 11.27 -28.56
CA HIS A 121 -32.87 11.21 -28.11
C HIS A 121 -32.05 10.90 -29.36
N VAL A 122 -31.61 11.95 -30.04
CA VAL A 122 -30.93 11.85 -31.32
C VAL A 122 -29.57 11.22 -31.14
N LEU A 123 -29.25 10.25 -32.00
CA LEU A 123 -28.05 9.41 -31.89
C LEU A 123 -27.00 9.70 -32.97
N MET A 124 -25.74 9.37 -32.71
CA MET A 124 -24.71 9.48 -33.75
C MET A 124 -25.10 8.58 -34.88
N GLU A 125 -24.53 8.83 -36.05
CA GLU A 125 -24.95 8.13 -37.23
C GLU A 125 -23.89 8.40 -38.28
N GLY A 126 -23.52 7.39 -39.05
CA GLY A 126 -22.65 7.59 -40.21
C GLY A 126 -21.16 7.44 -40.01
N ALA A 127 -20.45 7.34 -41.12
CA ALA A 127 -18.99 7.33 -41.09
C ALA A 127 -18.47 8.74 -41.42
N SER A 128 -17.19 9.00 -41.13
CA SER A 128 -16.56 10.24 -41.54
C SER A 128 -15.62 10.01 -42.72
N CYS A 129 -15.90 10.62 -43.87
CA CYS A 129 -14.91 10.68 -44.97
C CYS A 129 -13.95 11.83 -44.74
N VAL A 130 -12.67 11.64 -45.02
CA VAL A 130 -11.70 12.70 -44.77
C VAL A 130 -10.61 12.78 -45.85
N SER A 131 -10.08 13.97 -46.11
CA SER A 131 -8.94 14.13 -47.02
C SER A 131 -8.14 15.37 -46.63
N ARG A 132 -6.84 15.38 -46.95
CA ARG A 132 -6.03 16.58 -46.81
C ARG A 132 -6.20 17.39 -48.07
N VAL A 133 -6.34 18.69 -47.87
CA VAL A 133 -6.53 19.59 -48.99
C VAL A 133 -5.70 20.81 -48.71
N GLY A 134 -5.05 21.36 -49.74
CA GLY A 134 -4.25 22.55 -49.55
C GLY A 134 -4.64 23.61 -50.54
N TYR A 135 -4.43 24.87 -50.20
CA TYR A 135 -4.62 25.92 -51.19
C TYR A 135 -3.74 27.12 -50.89
N GLU A 136 -3.64 28.02 -51.86
CA GLU A 136 -2.79 29.17 -51.70
C GLU A 136 -3.55 30.47 -51.97
N TRP A 137 -3.29 31.49 -51.15
CA TRP A 137 -4.03 32.74 -51.17
C TRP A 137 -3.09 33.91 -51.18
N SER A 138 -3.34 34.86 -52.07
CA SER A 138 -2.51 36.05 -52.16
C SER A 138 -3.24 37.29 -51.67
N LEU A 139 -2.61 37.98 -50.70
CA LEU A 139 -3.19 39.19 -50.12
C LEU A 139 -2.36 40.46 -50.40
N ARG A 140 -2.89 41.32 -51.28
CA ARG A 140 -2.30 42.62 -51.60
C ARG A 140 -2.03 43.45 -50.35
N ALA A 141 -0.84 44.05 -50.26
CA ALA A 141 -0.46 44.87 -49.11
C ALA A 141 -1.50 45.96 -48.78
N GLY A 142 -1.99 45.91 -47.53
CA GLY A 142 -3.01 46.84 -47.05
C GLY A 142 -4.40 46.45 -47.51
N ARG A 143 -4.46 45.45 -48.37
CA ARG A 143 -5.74 44.98 -48.87
C ARG A 143 -5.99 43.54 -48.46
N GLU A 144 -5.32 43.12 -47.38
CA GLU A 144 -5.41 41.76 -46.86
C GLU A 144 -6.85 41.33 -46.59
N GLN A 145 -7.62 42.21 -45.98
CA GLN A 145 -8.99 41.90 -45.64
C GLN A 145 -9.89 41.58 -46.83
N GLU A 146 -9.87 42.39 -47.87
CA GLU A 146 -10.87 42.17 -48.90
C GLU A 146 -10.47 41.11 -49.92
N ASP A 147 -9.18 40.80 -49.96
CA ASP A 147 -8.68 39.75 -50.81
C ASP A 147 -9.00 38.39 -50.23
N VAL A 148 -8.65 38.19 -48.96
CA VAL A 148 -8.98 36.94 -48.25
C VAL A 148 -10.46 36.59 -48.40
N LYS A 149 -11.33 37.58 -48.26
CA LYS A 149 -12.73 37.38 -48.54
C LYS A 149 -12.90 36.93 -50.01
N SER A 150 -12.28 37.64 -50.94
CA SER A 150 -12.47 37.33 -52.37
C SER A 150 -11.87 36.00 -52.83
N ALA A 151 -10.78 35.58 -52.18
CA ALA A 151 -10.10 34.35 -52.56
C ALA A 151 -11.06 33.21 -52.30
N ALA A 152 -11.65 33.29 -51.11
CA ALA A 152 -12.64 32.32 -50.66
C ALA A 152 -13.78 32.14 -51.66
N GLU A 153 -14.48 33.21 -52.01
CA GLU A 153 -15.56 33.10 -52.98
C GLU A 153 -15.17 32.37 -54.29
N ARG A 154 -14.00 32.69 -54.83
CA ARG A 154 -13.54 32.06 -56.07
C ARG A 154 -13.05 30.64 -55.81
N LEU A 155 -12.74 30.36 -54.55
CA LEU A 155 -12.30 29.01 -54.16
C LEU A 155 -13.49 28.08 -54.10
N SER A 156 -14.63 28.65 -53.71
CA SER A 156 -15.88 27.89 -53.62
C SER A 156 -16.51 27.57 -54.96
N MET A 157 -16.15 28.31 -56.00
CA MET A 157 -16.60 28.03 -57.37
C MET A 157 -15.67 27.04 -58.04
N ALA A 158 -14.53 26.77 -57.41
CA ALA A 158 -13.51 25.91 -57.99
C ALA A 158 -13.67 24.47 -57.52
N SER A 159 -14.28 24.32 -56.34
CA SER A 159 -14.32 23.05 -55.62
C SER A 159 -15.14 21.96 -56.32
N PHE A 160 -16.07 22.36 -57.18
CA PHE A 160 -16.89 21.39 -57.94
C PHE A 160 -16.05 20.54 -58.91
N ARG A 161 -14.76 20.83 -59.01
CA ARG A 161 -13.91 20.13 -59.95
C ARG A 161 -12.90 19.19 -59.25
N PHE A 162 -12.92 19.14 -57.92
CA PHE A 162 -12.02 18.22 -57.21
C PHE A 162 -12.53 16.79 -57.32
N THR A 163 -11.63 15.83 -57.12
CA THR A 163 -11.94 14.42 -57.18
C THR A 163 -11.32 13.76 -55.97
N TYR A 164 -12.04 12.85 -55.35
CA TYR A 164 -11.52 12.19 -54.16
C TYR A 164 -11.42 10.71 -54.43
N LEU A 165 -10.30 10.12 -54.05
CA LEU A 165 -9.99 8.79 -54.48
C LEU A 165 -9.44 7.94 -53.34
N ASN A 166 -10.01 6.76 -53.15
CA ASN A 166 -9.44 5.79 -52.22
C ASN A 166 -9.01 4.58 -53.04
N ALA A 167 -7.72 4.26 -53.01
CA ALA A 167 -7.19 3.24 -53.89
C ALA A 167 -7.34 1.82 -53.33
N GLU A 168 -7.15 1.66 -52.02
CA GLU A 168 -7.32 0.38 -51.34
C GLU A 168 -8.74 -0.20 -51.46
N HIS A 169 -9.67 0.54 -52.04
CA HIS A 169 -11.02 0.03 -52.18
C HIS A 169 -11.62 0.44 -53.50
N GLY A 170 -10.87 1.18 -54.31
CA GLY A 170 -11.36 1.56 -55.63
C GLY A 170 -12.60 2.44 -55.56
N LEU A 171 -12.51 3.43 -54.69
CA LEU A 171 -13.59 4.37 -54.45
C LEU A 171 -13.24 5.70 -55.09
N VAL A 172 -14.21 6.27 -55.80
CA VAL A 172 -13.99 7.58 -56.37
C VAL A 172 -15.21 8.48 -56.16
N ILE A 173 -15.00 9.62 -55.52
CA ILE A 173 -16.02 10.67 -55.48
C ILE A 173 -15.60 11.83 -56.40
N ARG A 174 -16.54 12.23 -57.24
CA ARG A 174 -16.24 13.13 -58.35
C ARG A 174 -17.58 13.60 -58.81
N GLU A 175 -17.63 14.76 -59.46
CA GLU A 175 -18.87 15.27 -60.01
C GLU A 175 -19.36 14.28 -61.07
N GLN A 176 -20.66 14.31 -61.37
CA GLN A 176 -21.34 13.27 -62.13
C GLN A 176 -22.72 13.77 -62.51
N LYS A 177 -23.17 13.44 -63.72
CA LYS A 177 -24.56 13.69 -64.09
C LYS A 177 -25.42 12.79 -63.19
N PRO A 178 -26.60 13.29 -62.76
CA PRO A 178 -27.51 12.54 -61.88
C PRO A 178 -27.70 11.07 -62.30
N GLU A 179 -27.94 10.83 -63.58
CA GLU A 179 -28.10 9.47 -64.08
C GLU A 179 -26.92 8.55 -63.80
N ALA A 180 -25.75 9.14 -63.57
CA ALA A 180 -24.53 8.34 -63.44
C ALA A 180 -24.38 7.82 -62.03
N ALA A 181 -25.32 8.23 -61.17
CA ALA A 181 -25.25 8.02 -59.73
C ALA A 181 -25.23 6.55 -59.37
N GLN A 182 -24.24 6.18 -58.55
CA GLN A 182 -24.14 4.82 -58.03
C GLN A 182 -24.76 4.75 -56.62
N GLN A 183 -25.97 4.23 -56.52
CA GLN A 183 -26.67 4.11 -55.24
C GLN A 183 -25.91 3.32 -54.18
N LYS A 184 -26.25 3.55 -52.92
CA LYS A 184 -25.67 2.79 -51.80
C LYS A 184 -24.13 2.73 -51.83
N TYR A 185 -23.52 3.78 -52.36
CA TYR A 185 -22.13 3.74 -52.79
C TYR A 185 -21.13 3.34 -51.71
N LEU A 186 -21.36 3.67 -50.45
CA LEU A 186 -20.41 3.21 -49.41
C LEU A 186 -21.04 2.40 -48.28
N ASP A 187 -22.25 1.89 -48.51
CA ASP A 187 -23.01 1.18 -47.47
C ASP A 187 -22.19 0.14 -46.73
N LYS A 188 -21.37 -0.60 -47.47
CA LYS A 188 -20.43 -1.53 -46.86
C LYS A 188 -19.66 -0.89 -45.69
N PHE A 189 -19.33 0.40 -45.79
CA PHE A 189 -18.47 1.06 -44.80
C PHE A 189 -19.23 1.89 -43.79
N SER A 190 -20.41 2.34 -44.15
CA SER A 190 -21.09 3.30 -43.30
C SER A 190 -22.25 2.72 -42.51
N LYS A 191 -22.30 1.41 -42.35
CA LYS A 191 -23.55 0.73 -41.97
C LYS A 191 -24.00 0.95 -40.54
N GLY A 192 -23.22 0.46 -39.59
CA GLY A 192 -23.50 0.76 -38.21
C GLY A 192 -22.36 1.62 -37.75
N ALA A 193 -21.96 2.54 -38.61
CA ALA A 193 -20.74 3.30 -38.34
C ALA A 193 -20.95 4.46 -37.36
N VAL A 194 -19.85 4.93 -36.77
CA VAL A 194 -19.92 6.15 -35.98
C VAL A 194 -18.86 7.19 -36.38
N PRO A 195 -19.29 8.45 -36.54
CA PRO A 195 -18.45 9.54 -37.04
C PRO A 195 -17.08 9.77 -36.33
N TYR A 196 -16.93 9.36 -35.07
CA TYR A 196 -15.69 9.70 -34.37
C TYR A 196 -14.60 8.63 -34.50
N LYS A 197 -14.87 7.55 -35.23
CA LYS A 197 -13.84 6.54 -35.40
C LYS A 197 -13.99 5.64 -36.63
N ASP A 198 -15.11 5.70 -37.33
CA ASP A 198 -15.17 4.96 -38.59
C ASP A 198 -14.90 5.89 -39.77
N VAL A 199 -13.68 5.80 -40.29
CA VAL A 199 -13.12 6.81 -41.17
C VAL A 199 -12.68 6.22 -42.49
N ILE A 200 -13.27 6.66 -43.60
CA ILE A 200 -12.80 6.35 -44.94
C ILE A 200 -11.89 7.50 -45.46
N GLU A 201 -10.58 7.29 -45.48
CA GLU A 201 -9.64 8.30 -45.97
C GLU A 201 -9.49 8.37 -47.49
N PHE A 202 -9.56 9.56 -48.09
CA PHE A 202 -9.34 9.75 -49.55
C PHE A 202 -8.16 10.67 -49.87
N THR A 203 -7.73 10.59 -51.13
CA THR A 203 -6.73 11.51 -51.63
C THR A 203 -7.44 12.54 -52.50
N ALA A 204 -7.25 13.83 -52.21
CA ALA A 204 -7.96 14.85 -52.96
C ALA A 204 -7.11 15.33 -54.13
N MET A 205 -7.74 15.43 -55.29
CA MET A 205 -7.01 15.64 -56.51
C MET A 205 -7.69 16.66 -57.40
N GLN A 206 -6.97 17.13 -58.40
CA GLN A 206 -7.50 18.13 -59.29
C GLN A 206 -6.94 17.87 -60.70
N SER A 207 -7.68 18.34 -61.72
CA SER A 207 -7.22 18.28 -63.10
C SER A 207 -5.86 18.99 -63.28
N LEU A 208 -4.95 18.41 -64.06
CA LEU A 208 -3.65 19.03 -64.33
C LEU A 208 -3.78 20.19 -65.33
N THR A 209 -4.93 20.29 -65.99
CA THR A 209 -5.22 21.49 -66.74
C THR A 209 -5.92 22.51 -65.83
N PHE A 234 2.64 42.12 -51.78
CA PHE A 234 1.57 41.16 -51.44
C PHE A 234 2.03 40.04 -50.49
N THR A 235 1.07 39.43 -49.79
CA THR A 235 1.32 38.30 -48.89
C THR A 235 0.72 37.03 -49.44
N ARG A 236 1.52 35.97 -49.59
CA ARG A 236 0.98 34.70 -50.04
C ARG A 236 0.86 33.76 -48.85
N LEU A 237 -0.36 33.28 -48.65
CA LEU A 237 -0.72 32.49 -47.49
C LEU A 237 -0.98 31.05 -47.94
N VAL A 238 -0.43 30.07 -47.22
CA VAL A 238 -0.72 28.68 -47.55
C VAL A 238 -1.46 27.93 -46.46
N THR A 239 -2.53 27.27 -46.86
CA THR A 239 -3.42 26.60 -45.92
C THR A 239 -3.51 25.16 -46.35
N ILE A 240 -3.18 24.24 -45.44
CA ILE A 240 -3.48 22.83 -45.68
C ILE A 240 -4.09 22.23 -44.43
N GLY A 241 -4.97 21.25 -44.63
CA GLY A 241 -5.62 20.60 -43.50
C GLY A 241 -6.70 19.60 -43.85
N GLU A 242 -7.25 18.95 -42.82
CA GLU A 242 -8.32 17.98 -42.95
C GLU A 242 -9.54 18.60 -43.60
N VAL A 243 -10.28 17.81 -44.35
CA VAL A 243 -11.65 18.16 -44.66
C VAL A 243 -12.51 16.91 -44.45
N VAL A 244 -13.44 16.99 -43.49
CA VAL A 244 -14.23 15.85 -43.04
C VAL A 244 -15.69 16.03 -43.40
N PHE A 245 -16.28 15.02 -44.03
CA PHE A 245 -17.72 15.03 -44.31
C PHE A 245 -18.37 13.66 -44.04
N PRO A 246 -19.63 13.66 -43.56
CA PRO A 246 -20.31 12.41 -43.22
C PRO A 246 -20.71 11.53 -44.39
N ALA A 247 -20.42 10.22 -44.24
CA ALA A 247 -20.92 9.15 -45.10
C ALA A 247 -22.07 8.45 -44.38
N PHE A 248 -23.31 8.70 -44.80
CA PHE A 248 -24.44 8.07 -44.15
C PHE A 248 -24.83 6.80 -44.90
N PHE A 249 -25.24 5.77 -44.16
CA PHE A 249 -25.68 4.53 -44.80
C PHE A 249 -26.86 4.83 -45.71
N GLY A 250 -26.74 4.44 -46.97
CA GLY A 250 -27.83 4.52 -47.90
C GLY A 250 -27.75 5.65 -48.92
N ASP A 251 -26.73 6.49 -48.88
CA ASP A 251 -26.66 7.57 -49.88
C ASP A 251 -25.80 7.28 -51.11
N SER A 252 -26.16 7.95 -52.21
CA SER A 252 -25.60 7.68 -53.53
C SER A 252 -24.34 8.48 -53.72
N SER A 253 -23.42 7.92 -54.49
CA SER A 253 -22.16 8.58 -54.86
C SER A 253 -22.41 10.05 -55.19
N LEU A 254 -23.57 10.38 -55.76
CA LEU A 254 -23.91 11.77 -55.99
C LEU A 254 -24.05 12.56 -54.68
N ASP A 255 -24.83 11.99 -53.75
CA ASP A 255 -25.03 12.60 -52.44
C ASP A 255 -23.68 12.81 -51.76
N LEU A 256 -22.78 11.85 -51.90
CA LEU A 256 -21.45 11.97 -51.32
C LEU A 256 -20.70 13.16 -51.90
N TYR A 257 -20.94 13.44 -53.18
CA TYR A 257 -20.18 14.49 -53.85
C TYR A 257 -20.64 15.87 -53.41
N LYS A 258 -21.96 16.09 -53.38
CA LYS A 258 -22.46 17.36 -52.88
C LYS A 258 -21.99 17.64 -51.46
N ARG A 259 -21.80 16.61 -50.63
CA ARG A 259 -21.35 16.84 -49.26
C ARG A 259 -19.88 17.24 -49.16
N SER A 260 -19.03 16.50 -49.86
CA SER A 260 -17.59 16.75 -49.89
C SER A 260 -17.32 18.19 -50.28
N ARG A 261 -18.11 18.67 -51.22
CA ARG A 261 -17.91 19.98 -51.78
C ARG A 261 -18.29 21.04 -50.75
N GLU A 262 -19.50 20.94 -50.19
CA GLU A 262 -19.91 21.84 -49.10
C GLU A 262 -18.94 21.79 -47.92
N ALA A 263 -18.44 20.58 -47.64
CA ALA A 263 -17.50 20.38 -46.56
C ALA A 263 -16.26 21.24 -46.79
N PHE A 264 -15.70 21.11 -47.99
CA PHE A 264 -14.53 21.89 -48.40
C PHE A 264 -14.78 23.41 -48.38
N ASN A 265 -15.95 23.84 -48.84
CA ASN A 265 -16.23 25.26 -48.85
C ASN A 265 -16.35 25.85 -47.44
N ARG A 266 -16.87 25.09 -46.48
CA ARG A 266 -17.04 25.59 -45.12
C ARG A 266 -15.70 25.76 -44.43
N ARG A 267 -14.80 24.83 -44.67
CA ARG A 267 -13.45 24.95 -44.12
C ARG A 267 -12.73 26.18 -44.65
N ALA A 268 -12.93 26.49 -45.94
CA ALA A 268 -12.30 27.69 -46.51
C ALA A 268 -12.89 28.95 -45.88
N ASN A 269 -14.22 29.04 -45.84
CA ASN A 269 -14.88 30.15 -45.17
C ASN A 269 -14.45 30.30 -43.72
N ASN A 270 -14.25 29.18 -43.04
CA ASN A 270 -13.81 29.20 -41.65
C ASN A 270 -12.41 29.78 -41.54
N THR A 271 -11.52 29.40 -42.45
CA THR A 271 -10.14 29.91 -42.49
C THR A 271 -10.15 31.39 -42.78
N MET A 272 -11.01 31.76 -43.72
CA MET A 272 -11.22 33.14 -44.11
C MET A 272 -11.60 33.95 -42.88
N MET A 273 -12.63 33.50 -42.19
CA MET A 273 -13.13 34.22 -41.04
C MET A 273 -12.13 34.35 -39.88
N VAL A 274 -11.35 33.32 -39.60
CA VAL A 274 -10.43 33.39 -38.47
C VAL A 274 -9.31 34.34 -38.85
N THR A 275 -8.86 34.24 -40.09
CA THR A 275 -7.80 35.09 -40.60
C THR A 275 -8.16 36.57 -40.56
N VAL A 276 -9.28 36.93 -41.16
CA VAL A 276 -9.79 38.30 -41.10
C VAL A 276 -9.83 38.80 -39.66
N ASN A 277 -10.45 38.02 -38.77
CA ASN A 277 -10.50 38.34 -37.34
C ASN A 277 -9.14 38.72 -36.76
N GLY A 278 -8.12 37.91 -37.03
CA GLY A 278 -6.79 38.21 -36.51
C GLY A 278 -6.15 39.44 -37.16
N ILE A 279 -6.55 39.74 -38.39
CA ILE A 279 -6.07 40.92 -39.08
C ILE A 279 -6.65 42.16 -38.42
N ARG A 280 -7.97 42.20 -38.29
CA ARG A 280 -8.69 43.28 -37.62
C ARG A 280 -8.23 43.47 -36.16
N ALA A 281 -7.65 42.43 -35.59
CA ALA A 281 -7.19 42.52 -34.21
C ALA A 281 -5.74 42.94 -34.21
N GLY A 282 -5.20 43.16 -35.41
CA GLY A 282 -3.78 43.41 -35.59
C GLY A 282 -2.92 42.34 -34.94
N ARG A 283 -3.20 41.08 -35.27
CA ARG A 283 -2.31 39.99 -34.89
C ARG A 283 -1.58 39.52 -36.14
N GLY A 284 -1.83 40.25 -37.24
CA GLY A 284 -1.19 39.97 -38.50
C GLY A 284 -1.91 38.90 -39.29
N VAL A 285 -1.31 38.45 -40.39
CA VAL A 285 -1.82 37.30 -41.11
C VAL A 285 -1.20 36.03 -40.57
N THR A 286 -2.05 35.24 -39.94
CA THR A 286 -1.69 34.05 -39.21
C THR A 286 -1.94 32.82 -40.06
N THR A 287 -1.11 31.81 -39.91
CA THR A 287 -1.43 30.57 -40.55
C THR A 287 -2.30 29.72 -39.58
N THR A 288 -3.14 28.83 -40.10
CA THR A 288 -4.05 28.05 -39.24
C THR A 288 -3.74 26.54 -39.17
N THR A 289 -4.29 25.88 -38.16
CA THR A 289 -4.24 24.40 -38.04
C THR A 289 -5.64 23.85 -38.13
N SER A 290 -5.82 22.80 -38.93
CA SER A 290 -7.12 22.16 -39.01
C SER A 290 -7.40 21.16 -37.91
N ALA A 291 -8.52 21.34 -37.22
CA ALA A 291 -8.93 20.40 -36.18
C ALA A 291 -10.38 19.95 -36.35
N THR A 292 -10.66 18.74 -35.87
CA THR A 292 -12.01 18.22 -35.77
C THR A 292 -12.23 17.73 -34.33
N TYR A 293 -13.40 18.02 -33.77
CA TYR A 293 -13.72 17.64 -32.42
C TYR A 293 -15.08 16.99 -32.38
N LEU A 294 -15.33 16.28 -31.28
CA LEU A 294 -16.67 15.81 -30.94
C LEU A 294 -16.90 16.29 -29.53
N PRO A 295 -17.43 17.50 -29.38
CA PRO A 295 -17.64 18.04 -28.04
C PRO A 295 -18.50 17.11 -27.21
N PRO A 296 -18.42 17.22 -25.88
CA PRO A 296 -19.24 16.39 -24.99
C PRO A 296 -20.72 16.61 -25.30
N GLY A 297 -21.42 15.52 -25.55
CA GLY A 297 -22.86 15.58 -25.74
C GLY A 297 -23.25 15.55 -27.18
N TRP A 298 -22.38 16.11 -28.02
CA TRP A 298 -22.64 16.26 -29.46
C TRP A 298 -22.74 14.95 -30.26
N VAL A 299 -23.55 14.94 -31.29
CA VAL A 299 -23.72 13.72 -32.09
C VAL A 299 -23.36 13.96 -33.54
N SER A 300 -22.83 15.14 -33.83
CA SER A 300 -22.23 15.41 -35.11
C SER A 300 -20.98 16.21 -34.76
N LEU A 301 -19.96 16.15 -35.62
CA LEU A 301 -18.65 16.73 -35.34
C LEU A 301 -18.63 18.25 -35.44
N LEU A 302 -17.57 18.86 -34.94
CA LEU A 302 -17.35 20.30 -34.98
C LEU A 302 -16.02 20.54 -35.69
N HIS A 303 -16.01 21.46 -36.67
CA HIS A 303 -14.87 21.61 -37.56
C HIS A 303 -14.31 23.00 -37.47
N LEU A 304 -13.02 23.13 -37.20
CA LEU A 304 -12.47 24.45 -36.96
C LEU A 304 -11.07 24.59 -37.52
N GLN A 305 -10.83 25.76 -38.08
CA GLN A 305 -9.49 26.22 -38.43
C GLN A 305 -9.01 26.99 -37.21
N LEU A 306 -7.88 26.57 -36.63
CA LEU A 306 -7.38 27.15 -35.38
C LEU A 306 -6.20 28.10 -35.59
N PRO A 307 -6.29 29.31 -35.01
CA PRO A 307 -5.22 30.30 -35.12
C PRO A 307 -4.04 29.96 -34.22
N THR A 308 -3.14 29.10 -34.68
CA THR A 308 -2.07 28.58 -33.82
C THR A 308 -0.76 29.37 -33.83
N LYS A 309 -0.71 30.47 -34.59
CA LYS A 309 0.46 31.34 -34.54
C LYS A 309 0.18 32.58 -33.70
N TRP A 310 -1.01 32.67 -33.12
CA TRP A 310 -1.29 33.69 -32.10
C TRP A 310 -0.51 33.38 -30.81
N THR A 311 -0.53 34.33 -29.87
CA THR A 311 0.10 34.09 -28.57
C THR A 311 -0.71 33.05 -27.80
N ASP A 312 -0.04 32.27 -26.94
CA ASP A 312 -0.72 31.30 -26.08
C ASP A 312 -1.93 31.92 -25.40
N ASN A 313 -1.81 33.17 -25.00
CA ASN A 313 -2.92 33.82 -24.33
C ASN A 313 -4.03 34.14 -25.30
N GLU A 314 -3.65 34.61 -26.48
CA GLU A 314 -4.64 35.00 -27.46
C GLU A 314 -5.42 33.77 -27.92
N GLN A 315 -4.76 32.62 -27.91
CA GLN A 315 -5.41 31.37 -28.20
C GLN A 315 -6.42 30.97 -27.13
N ARG A 316 -6.01 31.02 -25.87
CA ARG A 316 -6.92 30.74 -24.75
C ARG A 316 -8.19 31.57 -24.84
N ASN A 317 -8.04 32.84 -25.21
CA ASN A 317 -9.20 33.73 -25.27
C ASN A 317 -10.18 33.34 -26.37
N TYR A 318 -9.61 32.72 -27.42
CA TYR A 318 -10.35 32.26 -28.58
C TYR A 318 -11.09 30.99 -28.19
N ARG A 319 -10.36 30.09 -27.53
CA ARG A 319 -10.97 28.92 -26.96
C ARG A 319 -12.17 29.30 -26.09
N ILE A 320 -11.99 30.30 -25.23
CA ILE A 320 -13.10 30.74 -24.39
C ILE A 320 -14.25 31.29 -25.24
N ARG A 321 -13.91 32.11 -26.22
CA ARG A 321 -14.90 32.69 -27.10
C ARG A 321 -15.67 31.56 -27.77
N LEU A 322 -14.92 30.59 -28.27
CA LEU A 322 -15.52 29.47 -28.96
C LEU A 322 -16.46 28.67 -28.06
N HIS A 323 -16.08 28.46 -26.80
CA HIS A 323 -16.96 27.81 -25.82
C HIS A 323 -18.32 28.51 -25.71
N LYS A 324 -18.30 29.83 -25.69
CA LYS A 324 -19.55 30.58 -25.63
C LYS A 324 -20.36 30.46 -26.92
N LEU A 325 -19.67 30.43 -28.06
CA LEU A 325 -20.34 30.43 -29.34
C LEU A 325 -21.02 29.09 -29.59
N PHE A 326 -20.32 28.02 -29.22
CA PHE A 326 -20.83 26.67 -29.42
C PHE A 326 -21.47 26.06 -28.18
N ASN A 327 -21.81 26.92 -27.22
CA ASN A 327 -22.42 26.54 -25.95
C ASN A 327 -21.72 25.35 -25.32
N LEU A 328 -20.39 25.37 -25.33
CA LEU A 328 -19.63 24.35 -24.64
C LEU A 328 -19.62 24.68 -23.14
N PRO A 329 -19.29 23.70 -22.30
CA PRO A 329 -19.31 23.95 -20.85
C PRO A 329 -17.97 24.51 -20.37
N SER A 330 -18.00 25.37 -19.35
CA SER A 330 -16.80 26.12 -18.91
C SER A 330 -15.97 25.43 -17.82
N SER A 331 -16.48 24.35 -17.27
CA SER A 331 -15.79 23.64 -16.21
C SER A 331 -14.52 22.90 -16.64
N LYS A 332 -14.25 22.82 -17.95
CA LYS A 332 -13.17 21.96 -18.46
C LYS A 332 -12.79 22.25 -19.92
N PRO A 333 -11.61 21.76 -20.37
CA PRO A 333 -11.25 21.98 -21.77
C PRO A 333 -12.04 21.11 -22.75
N VAL A 334 -12.30 21.68 -23.92
CA VAL A 334 -12.98 20.97 -25.00
C VAL A 334 -12.20 21.08 -26.32
N LEU A 335 -11.52 22.22 -26.56
CA LEU A 335 -10.98 22.51 -27.88
C LEU A 335 -9.47 22.63 -27.93
N ARG A 336 -8.77 21.89 -27.07
CA ARG A 336 -7.32 21.93 -27.11
C ARG A 336 -6.84 21.06 -28.25
N LEU A 337 -5.77 21.48 -28.90
CA LEU A 337 -5.16 20.74 -29.99
C LEU A 337 -5.03 19.26 -29.66
N SER A 338 -4.73 19.01 -28.39
CA SER A 338 -4.56 17.67 -27.84
C SER A 338 -5.84 16.83 -27.88
N GLN A 339 -6.98 17.51 -27.98
CA GLN A 339 -8.29 16.87 -27.92
C GLN A 339 -8.90 16.58 -29.29
N ALA A 340 -8.30 17.15 -30.34
CA ALA A 340 -8.79 16.98 -31.70
C ALA A 340 -8.73 15.51 -32.11
N LEU A 341 -9.78 15.04 -32.76
CA LEU A 341 -9.74 13.66 -33.25
C LEU A 341 -8.66 13.61 -34.31
N ALA A 342 -8.02 12.47 -34.44
CA ALA A 342 -7.04 12.37 -35.48
C ALA A 342 -7.64 11.42 -36.52
N LEU A 343 -8.34 12.01 -37.48
CA LEU A 343 -9.11 11.16 -38.38
C LEU A 343 -8.26 10.90 -39.61
N HIS A 344 -7.43 11.87 -39.96
CA HIS A 344 -6.54 11.68 -41.09
C HIS A 344 -5.18 11.17 -40.65
N SER A 345 -4.64 10.23 -41.43
CA SER A 345 -3.41 9.56 -41.05
C SER A 345 -2.20 10.50 -41.07
N GLU A 346 -2.30 11.59 -41.81
CA GLU A 346 -1.21 12.55 -41.87
C GLU A 346 -1.43 13.68 -40.89
N SER A 347 -2.31 13.47 -39.92
CA SER A 347 -2.57 14.51 -38.93
C SER A 347 -1.65 14.29 -37.73
N ALA A 348 -1.24 15.42 -37.14
CA ALA A 348 -0.35 15.40 -35.98
C ALA A 348 -1.12 14.97 -34.76
N ARG A 349 -0.73 13.84 -34.19
CA ARG A 349 -1.33 13.35 -32.96
C ARG A 349 -0.33 13.41 -31.80
N LEU A 350 -0.82 13.47 -30.57
CA LEU A 350 0.05 13.47 -29.39
C LEU A 350 0.09 12.12 -28.69
N THR A 351 -0.66 11.14 -29.21
CA THR A 351 -0.65 9.79 -28.67
C THR A 351 -0.49 8.81 -29.81
N ASN A 352 -0.03 7.61 -29.50
CA ASN A 352 0.30 6.63 -30.52
C ASN A 352 -0.92 6.10 -31.27
N LYS A 353 -0.84 6.14 -32.60
CA LYS A 353 -1.97 5.77 -33.45
C LYS A 353 -2.41 4.32 -33.26
N LYS A 354 -1.47 3.48 -32.81
CA LYS A 354 -1.73 2.04 -32.67
C LYS A 354 -2.64 1.73 -31.48
N LEU A 355 -2.51 2.53 -30.43
CA LEU A 355 -3.30 2.39 -29.21
C LEU A 355 -4.81 2.49 -29.48
N ILE A 356 -5.58 1.70 -28.73
CA ILE A 356 -7.04 1.74 -28.77
C ILE A 356 -7.60 2.87 -27.90
N ARG A 357 -8.61 3.58 -28.41
CA ARG A 357 -9.26 4.67 -27.67
C ARG A 357 -10.61 4.18 -27.15
N GLU A 358 -10.80 4.27 -25.84
CA GLU A 358 -12.04 3.86 -25.16
C GLU A 358 -12.55 2.46 -25.53
N PRO A 359 -11.90 1.40 -24.99
CA PRO A 359 -12.37 0.04 -25.26
C PRO A 359 -13.68 -0.21 -24.57
N HIS A 360 -13.87 0.36 -23.38
CA HIS A 360 -15.09 0.08 -22.63
C HIS A 360 -16.35 0.53 -23.38
N LEU A 361 -16.15 1.22 -24.51
CA LEU A 361 -17.26 1.67 -25.33
C LEU A 361 -17.49 0.71 -26.49
N SER A 362 -17.09 -0.54 -26.28
CA SER A 362 -17.35 -1.61 -27.24
C SER A 362 -17.99 -2.77 -26.49
N ILE A 363 -18.53 -2.50 -25.32
CA ILE A 363 -19.31 -3.50 -24.60
C ILE A 363 -20.77 -3.42 -25.04
N THR A 364 -21.09 -4.17 -26.10
CA THR A 364 -22.46 -4.22 -26.62
C THR A 364 -23.34 -5.10 -25.71
N ASN A 365 -22.77 -6.20 -25.24
CA ASN A 365 -23.42 -7.10 -24.29
C ASN A 365 -23.56 -6.48 -22.90
N TYR A 366 -24.42 -5.49 -22.76
CA TYR A 366 -24.60 -4.81 -21.47
C TYR A 366 -25.49 -5.57 -20.46
N GLN A 367 -25.34 -5.23 -19.20
CA GLN A 367 -25.88 -6.06 -18.13
C GLN A 367 -26.43 -5.30 -16.91
N PRO A 368 -26.97 -4.07 -17.10
CA PRO A 368 -27.07 -3.10 -16.00
C PRO A 368 -27.80 -3.75 -14.83
N VAL A 369 -27.05 -4.01 -13.76
CA VAL A 369 -27.54 -4.57 -12.51
C VAL A 369 -28.23 -3.46 -11.71
N GLY A 370 -27.74 -2.25 -11.88
CA GLY A 370 -28.30 -1.11 -11.19
C GLY A 370 -27.83 0.18 -11.84
N GLU A 371 -27.34 1.09 -11.00
CA GLU A 371 -26.91 2.44 -11.41
C GLU A 371 -25.44 2.51 -11.85
N ILE A 372 -25.20 2.89 -13.09
CA ILE A 372 -23.84 2.96 -13.61
C ILE A 372 -23.24 4.38 -13.60
N THR A 373 -22.11 4.52 -12.93
CA THR A 373 -21.29 5.71 -13.07
C THR A 373 -19.98 5.28 -13.71
N THR A 374 -19.59 5.99 -14.76
CA THR A 374 -18.49 5.56 -15.58
C THR A 374 -17.45 6.67 -15.63
N VAL A 375 -16.33 6.38 -16.28
CA VAL A 375 -15.27 7.36 -16.45
C VAL A 375 -15.76 8.49 -17.34
N ASN A 376 -15.24 9.69 -17.12
CA ASN A 376 -15.79 10.90 -17.70
C ASN A 376 -15.44 11.21 -19.16
N GLY A 377 -14.16 11.28 -19.48
CA GLY A 377 -13.74 11.53 -20.86
C GLY A 377 -13.21 10.29 -21.58
N PRO A 378 -12.40 10.50 -22.63
CA PRO A 378 -11.68 9.41 -23.32
C PRO A 378 -10.26 9.11 -22.76
N TYR A 379 -9.71 7.93 -23.07
CA TYR A 379 -8.40 7.48 -22.61
C TYR A 379 -7.91 6.45 -23.62
N ASN A 380 -6.65 6.02 -23.51
CA ASN A 380 -6.17 4.86 -24.29
C ASN A 380 -5.92 3.63 -23.42
N TYR A 381 -5.81 2.47 -24.06
CA TYR A 381 -5.56 1.21 -23.37
C TYR A 381 -4.11 0.81 -23.52
N HIS A 382 -3.32 0.99 -22.46
CA HIS A 382 -1.95 0.49 -22.43
C HIS A 382 -1.87 -0.82 -21.66
N HIS A 383 -0.88 -1.64 -22.00
CA HIS A 383 -0.74 -2.99 -21.47
C HIS A 383 0.67 -3.55 -21.67
N TYR A 384 0.83 -4.85 -21.42
CA TYR A 384 2.11 -5.53 -21.63
C TYR A 384 2.51 -5.56 -23.11
N MET A 385 3.77 -5.85 -23.39
CA MET A 385 4.26 -6.08 -24.77
C MET A 385 3.92 -4.97 -25.78
N GLN A 386 4.03 -3.71 -25.34
CA GLN A 386 3.52 -2.60 -26.14
C GLN A 386 4.61 -1.80 -26.86
N ASP A 387 5.39 -1.02 -26.10
CA ASP A 387 6.39 -0.15 -26.70
C ASP A 387 7.61 -0.91 -27.18
N GLY A 388 7.41 -2.16 -27.61
CA GLY A 388 8.48 -3.05 -28.00
C GLY A 388 9.20 -3.64 -26.81
N ILE A 389 8.64 -3.40 -25.61
CA ILE A 389 9.20 -3.90 -24.37
C ILE A 389 8.48 -5.18 -23.96
N ASP A 390 8.92 -5.76 -22.86
CA ASP A 390 8.40 -7.03 -22.37
C ASP A 390 8.39 -6.95 -20.84
N ASP A 391 7.30 -6.42 -20.29
CA ASP A 391 7.14 -6.31 -18.83
C ASP A 391 6.25 -7.41 -18.23
N SER A 392 6.50 -8.66 -18.62
CA SER A 392 5.64 -9.81 -18.30
C SER A 392 5.22 -9.95 -16.84
N GLY A 393 5.98 -9.38 -15.92
CA GLY A 393 5.67 -9.52 -14.51
C GLY A 393 5.54 -8.19 -13.78
N TRP A 394 6.49 -7.31 -14.08
CA TRP A 394 6.70 -6.10 -13.28
C TRP A 394 5.90 -4.85 -13.69
N GLY A 395 5.67 -4.68 -14.99
CA GLY A 395 5.08 -3.46 -15.53
C GLY A 395 3.61 -3.16 -15.26
N CYS A 396 2.83 -4.14 -14.77
CA CYS A 396 1.38 -3.99 -14.60
C CYS A 396 0.91 -2.59 -14.14
N ALA A 397 1.60 -2.02 -13.17
CA ALA A 397 1.20 -0.72 -12.65
C ALA A 397 1.68 0.41 -13.53
N TYR A 398 2.78 0.18 -14.26
CA TYR A 398 3.27 1.19 -15.20
C TYR A 398 2.20 1.46 -16.25
N ARG A 399 1.65 0.37 -16.76
CA ARG A 399 0.62 0.42 -17.79
C ARG A 399 -0.59 1.21 -17.31
N SER A 400 -1.04 0.95 -16.08
CA SER A 400 -2.16 1.69 -15.53
C SER A 400 -1.81 3.14 -15.36
N PHE A 401 -0.54 3.40 -15.09
CA PHE A 401 -0.06 4.76 -14.98
C PHE A 401 -0.19 5.42 -16.34
N GLN A 402 0.18 4.67 -17.37
CA GLN A 402 0.14 5.15 -18.74
C GLN A 402 -1.30 5.44 -19.19
N THR A 403 -2.21 4.51 -18.90
CA THR A 403 -3.63 4.76 -19.12
C THR A 403 -4.05 6.06 -18.44
N ILE A 404 -3.83 6.19 -17.14
CA ILE A 404 -4.18 7.43 -16.47
C ILE A 404 -3.55 8.63 -17.17
N TRP A 405 -2.37 8.44 -17.75
CA TRP A 405 -1.70 9.56 -18.40
C TRP A 405 -2.44 9.91 -19.65
N SER A 406 -2.69 8.91 -20.48
CA SER A 406 -3.36 9.12 -21.75
C SER A 406 -4.68 9.87 -21.55
N TRP A 407 -5.37 9.60 -20.46
CA TRP A 407 -6.61 10.30 -20.19
C TRP A 407 -6.35 11.79 -20.06
N PHE A 408 -5.20 12.16 -19.48
CA PHE A 408 -4.90 13.58 -19.31
C PHE A 408 -4.54 14.34 -20.61
N ILE A 409 -4.02 13.64 -21.61
CA ILE A 409 -3.84 14.33 -22.89
C ILE A 409 -5.15 14.35 -23.66
N LEU A 410 -5.77 13.18 -23.82
CA LEU A 410 -7.04 13.08 -24.55
C LEU A 410 -8.16 13.95 -23.98
N ASN A 411 -7.88 14.64 -22.86
CA ASN A 411 -8.89 15.47 -22.21
C ASN A 411 -8.47 16.92 -22.08
N GLY A 412 -7.30 17.22 -22.64
CA GLY A 412 -6.84 18.59 -22.84
C GLY A 412 -6.11 19.20 -21.67
N TYR A 413 -5.45 18.34 -20.88
CA TYR A 413 -4.86 18.78 -19.63
C TYR A 413 -3.33 18.90 -19.74
N THR A 414 -2.74 18.10 -20.64
CA THR A 414 -1.37 18.29 -21.06
C THR A 414 -1.18 17.85 -22.50
N ASP A 415 -0.06 18.25 -23.08
CA ASP A 415 0.32 17.88 -24.43
C ASP A 415 1.56 16.99 -24.39
N LYS A 416 2.16 16.86 -23.20
CA LYS A 416 3.31 15.99 -22.97
C LYS A 416 2.90 14.54 -23.18
N PRO A 417 3.73 13.77 -23.89
CA PRO A 417 3.39 12.39 -24.27
C PRO A 417 3.50 11.41 -23.09
N VAL A 418 2.75 10.30 -23.16
CA VAL A 418 2.83 9.29 -22.09
C VAL A 418 4.25 8.72 -21.95
N PRO A 419 4.77 8.74 -20.71
CA PRO A 419 6.15 8.29 -20.45
C PRO A 419 6.38 6.78 -20.59
N SER A 420 7.64 6.44 -20.87
CA SER A 420 8.11 5.07 -20.94
C SER A 420 8.46 4.62 -19.53
N HIS A 421 8.58 3.30 -19.33
CA HIS A 421 8.99 2.79 -18.04
C HIS A 421 10.23 3.53 -17.57
N ARG A 422 11.27 3.52 -18.39
CA ARG A 422 12.56 4.10 -17.99
C ARG A 422 12.40 5.54 -17.52
N GLU A 423 11.45 6.23 -18.15
CA GLU A 423 11.24 7.63 -17.87
C GLU A 423 10.47 7.84 -16.57
N ILE A 424 9.62 6.86 -16.25
CA ILE A 424 8.87 6.86 -14.99
C ILE A 424 9.85 6.56 -13.87
N GLN A 425 10.60 5.48 -14.05
CA GLN A 425 11.69 5.09 -13.15
C GLN A 425 12.55 6.29 -12.73
N GLN A 426 13.00 7.06 -13.73
CA GLN A 426 13.83 8.25 -13.52
C GLN A 426 12.68 9.12 -12.93
N ALA A 427 12.59 9.20 -11.60
CA ALA A 427 11.59 10.07 -10.96
C ALA A 427 11.43 9.46 -9.56
N GLY A 440 15.31 2.22 -9.94
CA GLY A 440 16.23 1.29 -10.58
C GLY A 440 15.87 1.06 -12.04
N SER A 441 15.98 -0.18 -12.49
CA SER A 441 15.52 -0.59 -13.82
C SER A 441 14.96 -2.03 -13.80
N ARG A 442 13.75 -2.20 -14.30
CA ARG A 442 12.97 -3.47 -14.25
C ARG A 442 12.25 -3.84 -12.90
N GLN A 443 12.01 -2.83 -12.06
CA GLN A 443 11.28 -3.01 -10.79
C GLN A 443 9.78 -2.84 -10.96
N TRP A 444 8.99 -3.80 -10.49
CA TRP A 444 7.56 -3.59 -10.35
C TRP A 444 7.31 -2.54 -9.26
N ILE A 445 6.26 -1.75 -9.42
CA ILE A 445 5.94 -0.72 -8.43
C ILE A 445 4.45 -0.70 -8.18
N GLY A 446 4.01 0.20 -7.31
CA GLY A 446 2.61 0.22 -6.93
C GLY A 446 2.01 1.60 -6.74
N SER A 447 0.90 1.64 -6.02
CA SER A 447 0.09 2.85 -5.90
C SER A 447 0.84 4.07 -5.45
N THR A 448 1.81 3.89 -4.58
CA THR A 448 2.32 5.03 -3.86
C THR A 448 3.27 5.87 -4.74
N GLU A 449 4.01 5.19 -5.61
CA GLU A 449 4.91 5.89 -6.54
C GLU A 449 4.17 6.43 -7.76
N ILE A 450 3.21 5.65 -8.28
CA ILE A 450 2.27 6.12 -9.29
C ILE A 450 1.75 7.50 -8.92
N SER A 451 1.29 7.66 -7.70
CA SER A 451 0.79 8.94 -7.22
C SER A 451 1.89 10.00 -7.22
N PHE A 452 3.13 9.53 -7.07
CA PHE A 452 4.28 10.42 -6.93
C PHE A 452 4.84 10.89 -8.28
N VAL A 453 5.06 9.94 -9.19
CA VAL A 453 5.47 10.23 -10.58
C VAL A 453 4.52 11.24 -11.22
N LEU A 454 3.23 10.93 -11.12
CA LEU A 454 2.14 11.85 -11.46
C LEU A 454 2.26 13.24 -10.82
N ASN A 455 2.83 13.33 -9.63
CA ASN A 455 2.91 14.62 -8.93
C ASN A 455 4.06 15.52 -9.40
N GLU A 456 5.09 14.94 -10.01
CA GLU A 456 6.20 15.77 -10.46
C GLU A 456 6.48 15.66 -11.95
N LEU A 457 5.79 14.77 -12.65
CA LEU A 457 5.78 14.87 -14.10
C LEU A 457 4.57 15.70 -14.58
N LEU A 458 3.61 15.91 -13.70
CA LEU A 458 2.37 16.56 -14.11
C LEU A 458 1.82 17.59 -13.12
N LYS A 459 2.57 17.88 -12.06
CA LYS A 459 2.08 18.78 -11.02
C LYS A 459 0.66 18.40 -10.65
N LEU A 460 0.47 17.11 -10.38
CA LEU A 460 -0.87 16.54 -10.33
C LEU A 460 -1.16 15.92 -8.96
N GLU A 461 -2.22 16.42 -8.34
CA GLU A 461 -2.61 15.97 -7.02
C GLU A 461 -3.57 14.77 -7.06
N CYS A 462 -3.36 13.79 -6.17
CA CYS A 462 -4.28 12.65 -6.06
C CYS A 462 -5.04 12.61 -4.75
N ARG A 463 -6.10 11.81 -4.75
CA ARG A 463 -6.80 11.42 -3.53
C ARG A 463 -6.65 9.90 -3.36
N PHE A 464 -6.58 9.46 -2.10
CA PHE A 464 -6.30 8.06 -1.83
C PHE A 464 -7.48 7.37 -1.13
N ILE A 465 -7.68 6.10 -1.48
CA ILE A 465 -8.69 5.27 -0.84
C ILE A 465 -8.05 3.95 -0.42
N ALA A 466 -7.93 3.74 0.89
CA ALA A 466 -7.25 2.55 1.42
C ALA A 466 -8.19 1.56 2.12
N THR A 467 -7.83 0.29 2.03
CA THR A 467 -8.75 -0.79 2.29
C THR A 467 -8.09 -1.97 3.02
N ASN A 468 -8.77 -2.55 4.00
CA ASN A 468 -8.25 -3.72 4.73
C ASN A 468 -8.50 -5.04 4.01
N SER A 469 -9.59 -5.13 3.26
CA SER A 469 -9.96 -6.38 2.61
C SER A 469 -10.57 -6.18 1.22
N GLY A 470 -10.35 -7.14 0.33
CA GLY A 470 -10.96 -7.10 -0.99
C GLY A 470 -12.47 -6.90 -0.96
N ALA A 471 -13.13 -7.38 0.09
CA ALA A 471 -14.56 -7.17 0.22
C ALA A 471 -14.84 -5.98 1.13
N GLU A 472 -13.90 -5.04 1.19
CA GLU A 472 -14.16 -3.74 1.78
C GLU A 472 -14.08 -2.68 0.67
N VAL A 473 -13.73 -3.12 -0.53
CA VAL A 473 -13.74 -2.24 -1.69
C VAL A 473 -15.17 -1.75 -1.83
N VAL A 474 -16.10 -2.71 -1.68
CA VAL A 474 -17.52 -2.47 -1.81
C VAL A 474 -18.09 -1.41 -0.87
N GLU A 475 -17.82 -1.52 0.43
CA GLU A 475 -18.32 -0.52 1.38
C GLU A 475 -17.77 0.88 1.10
N ARG A 476 -17.03 1.00 0.00
CA ARG A 476 -16.40 2.25 -0.35
C ARG A 476 -16.84 2.66 -1.76
N VAL A 477 -17.72 1.85 -2.35
CA VAL A 477 -18.21 2.06 -3.72
C VAL A 477 -18.98 3.38 -3.85
N ARG A 478 -19.51 3.86 -2.73
CA ARG A 478 -20.22 5.14 -2.67
C ARG A 478 -19.30 6.30 -3.10
N GLU A 479 -18.16 6.44 -2.41
CA GLU A 479 -17.18 7.50 -2.70
C GLU A 479 -16.37 7.24 -3.99
N LEU A 480 -16.39 5.99 -4.45
CA LEU A 480 -15.80 5.61 -5.74
C LEU A 480 -16.71 5.99 -6.92
N ALA A 481 -18.02 5.87 -6.72
CA ALA A 481 -19.01 6.38 -7.68
C ALA A 481 -18.95 7.91 -7.71
N ARG A 482 -18.92 8.49 -6.51
CA ARG A 482 -18.80 9.93 -6.37
C ARG A 482 -17.59 10.46 -7.12
N HIS A 483 -16.51 9.68 -7.17
CA HIS A 483 -15.31 10.08 -7.89
C HIS A 483 -15.61 10.22 -9.36
N PHE A 484 -16.03 9.11 -9.96
CA PHE A 484 -16.36 9.06 -11.39
C PHE A 484 -17.36 10.14 -11.86
N GLU A 485 -18.29 10.53 -10.99
CA GLU A 485 -19.27 11.54 -11.36
C GLU A 485 -18.67 12.94 -11.24
N THR A 486 -17.44 13.03 -10.77
CA THR A 486 -16.82 14.32 -10.53
C THR A 486 -15.49 14.44 -11.25
N SER A 487 -14.45 13.93 -10.62
CA SER A 487 -13.13 13.97 -11.22
C SER A 487 -13.14 13.14 -12.50
N GLY A 488 -13.95 12.09 -12.52
CA GLY A 488 -14.14 11.26 -13.69
C GLY A 488 -12.91 10.68 -14.38
N THR A 489 -11.82 10.54 -13.64
CA THR A 489 -10.58 9.94 -14.16
C THR A 489 -10.49 8.44 -13.92
N PRO A 490 -9.71 7.73 -14.74
CA PRO A 490 -9.62 6.30 -14.48
C PRO A 490 -8.92 6.11 -13.13
N VAL A 491 -9.27 5.02 -12.44
CA VAL A 491 -8.76 4.78 -11.11
C VAL A 491 -7.79 3.62 -11.12
N MET A 492 -6.60 3.84 -10.55
CA MET A 492 -5.69 2.73 -10.37
C MET A 492 -5.93 2.08 -9.01
N ILE A 493 -6.26 0.79 -9.08
CA ILE A 493 -6.50 -0.02 -7.90
C ILE A 493 -5.24 -0.83 -7.63
N GLY A 494 -4.66 -0.59 -6.44
CA GLY A 494 -3.46 -1.26 -6.00
C GLY A 494 -3.80 -2.58 -5.35
N GLY A 495 -3.87 -3.62 -6.18
CA GLY A 495 -4.16 -4.97 -5.73
C GLY A 495 -3.01 -5.44 -4.91
N ASN A 496 -3.01 -6.67 -4.42
CA ASN A 496 -1.84 -7.02 -3.63
C ASN A 496 -0.58 -7.39 -4.40
N MET A 497 -0.67 -8.38 -5.28
CA MET A 497 0.47 -8.62 -6.14
C MET A 497 0.28 -7.92 -7.48
N LEU A 498 -0.94 -7.43 -7.72
CA LEU A 498 -1.36 -6.96 -9.04
C LEU A 498 -1.89 -5.53 -9.08
N ALA A 499 -1.93 -4.95 -10.28
CA ALA A 499 -2.46 -3.61 -10.47
C ALA A 499 -3.49 -3.61 -11.59
N HIS A 500 -4.65 -2.99 -11.34
CA HIS A 500 -5.70 -2.86 -12.35
C HIS A 500 -6.18 -1.39 -12.47
N THR A 501 -6.85 -1.07 -13.58
CA THR A 501 -7.49 0.23 -13.70
C THR A 501 -9.01 0.06 -13.60
N ILE A 502 -9.65 0.91 -12.79
CA ILE A 502 -11.11 0.88 -12.67
C ILE A 502 -11.78 2.02 -13.44
N LEU A 503 -12.61 1.64 -14.41
CA LEU A 503 -13.26 2.58 -15.31
C LEU A 503 -14.67 2.96 -14.87
N GLY A 504 -15.30 2.12 -14.06
CA GLY A 504 -16.64 2.42 -13.61
C GLY A 504 -17.21 1.40 -12.65
N VAL A 505 -18.36 1.74 -12.08
CA VAL A 505 -19.05 0.87 -11.15
C VAL A 505 -20.49 0.55 -11.62
N ASP A 506 -21.09 -0.51 -11.07
CA ASP A 506 -22.47 -0.90 -11.38
C ASP A 506 -23.19 -1.11 -10.04
N PHE A 507 -23.66 -0.01 -9.45
CA PHE A 507 -24.12 0.01 -8.07
C PHE A 507 -25.64 0.12 -7.89
N ASN A 508 -26.22 -0.86 -7.21
CA ASN A 508 -27.65 -0.96 -6.93
C ASN A 508 -27.96 -0.69 -5.45
N ASP A 509 -28.28 0.56 -5.08
CA ASP A 509 -28.37 0.96 -3.67
C ASP A 509 -29.43 0.23 -2.85
N THR A 510 -30.33 -0.49 -3.52
CA THR A 510 -31.35 -1.30 -2.87
C THR A 510 -30.76 -2.64 -2.40
N THR A 511 -30.65 -3.57 -3.35
CA THR A 511 -30.10 -4.89 -3.07
C THR A 511 -28.67 -4.77 -2.52
N GLY A 512 -27.93 -3.80 -3.04
CA GLY A 512 -26.56 -3.56 -2.62
C GLY A 512 -25.53 -4.24 -3.50
N GLU A 513 -26.01 -5.11 -4.42
CA GLU A 513 -25.12 -5.81 -5.34
C GLU A 513 -24.25 -4.81 -6.10
N THR A 514 -22.97 -5.12 -6.26
CA THR A 514 -22.01 -4.17 -6.84
C THR A 514 -21.09 -4.84 -7.86
N LYS A 515 -20.94 -4.21 -9.03
CA LYS A 515 -20.00 -4.68 -10.03
C LYS A 515 -18.96 -3.59 -10.38
N PHE A 516 -17.85 -3.99 -11.01
CA PHE A 516 -16.74 -3.09 -11.28
C PHE A 516 -16.24 -3.23 -12.72
N LEU A 517 -16.10 -2.08 -13.40
CA LEU A 517 -15.59 -2.08 -14.77
C LEU A 517 -14.06 -2.04 -14.79
N VAL A 518 -13.45 -3.15 -15.20
CA VAL A 518 -12.02 -3.32 -15.05
C VAL A 518 -11.28 -3.46 -16.38
N LEU A 519 -10.30 -2.58 -16.55
CA LEU A 519 -9.37 -2.65 -17.66
C LEU A 519 -8.06 -3.26 -17.12
N ASP A 520 -7.75 -4.46 -17.61
CA ASP A 520 -6.66 -5.30 -17.11
C ASP A 520 -5.36 -5.07 -17.86
N PRO A 521 -4.35 -4.51 -17.18
CA PRO A 521 -3.09 -4.06 -17.79
C PRO A 521 -2.23 -5.20 -18.31
N HIS A 522 -2.59 -6.44 -18.01
CA HIS A 522 -1.80 -7.59 -18.41
C HIS A 522 -2.19 -8.07 -19.82
N TYR A 523 -1.34 -7.75 -20.78
CA TYR A 523 -1.66 -7.97 -22.18
C TYR A 523 -1.85 -9.40 -22.68
N THR A 524 -2.80 -9.55 -23.61
CA THR A 524 -3.19 -10.85 -24.13
C THR A 524 -3.28 -10.86 -25.66
N GLY A 525 -3.71 -9.74 -26.24
CA GLY A 525 -3.91 -9.65 -27.68
C GLY A 525 -2.79 -8.98 -28.46
N SER A 526 -3.10 -8.58 -29.70
CA SER A 526 -2.16 -7.84 -30.54
C SER A 526 -2.62 -6.39 -30.37
N GLU A 527 -3.74 -6.06 -31.02
CA GLU A 527 -4.54 -4.85 -30.81
C GLU A 527 -5.70 -5.41 -31.63
N ASP A 528 -6.58 -6.13 -30.93
CA ASP A 528 -7.70 -6.82 -31.55
C ASP A 528 -8.71 -6.28 -30.53
N ILE A 529 -9.91 -5.95 -30.98
CA ILE A 529 -10.94 -5.47 -30.04
C ILE A 529 -11.70 -6.69 -29.50
N LYS A 530 -12.02 -7.64 -30.37
CA LYS A 530 -12.77 -8.82 -29.95
C LYS A 530 -12.02 -9.62 -28.88
N THR A 531 -10.69 -9.76 -29.04
CA THR A 531 -9.91 -10.50 -28.06
C THR A 531 -9.89 -9.79 -26.70
N ILE A 532 -10.19 -8.49 -26.70
CA ILE A 532 -10.23 -7.68 -25.48
C ILE A 532 -11.63 -7.63 -24.85
N THR A 533 -12.66 -7.62 -25.69
CA THR A 533 -14.04 -7.53 -25.21
C THR A 533 -14.65 -8.90 -24.85
N SER A 534 -14.25 -9.94 -25.59
CA SER A 534 -14.76 -11.29 -25.38
C SER A 534 -14.12 -11.94 -24.15
N LYS A 535 -12.79 -11.95 -24.13
CA LYS A 535 -12.04 -12.28 -22.92
C LYS A 535 -12.31 -11.23 -21.83
N GLY A 536 -11.74 -11.41 -20.65
CA GLY A 536 -12.07 -10.53 -19.53
C GLY A 536 -11.17 -9.32 -19.38
N TRP A 537 -10.46 -8.94 -20.44
CA TRP A 537 -9.44 -7.90 -20.36
C TRP A 537 -10.02 -6.50 -20.24
N CYS A 538 -11.23 -6.36 -20.76
CA CYS A 538 -12.04 -5.18 -20.53
C CYS A 538 -13.47 -5.67 -20.43
N ALA A 539 -13.93 -5.86 -19.21
CA ALA A 539 -15.30 -6.30 -18.98
C ALA A 539 -15.69 -5.96 -17.55
N TRP A 540 -16.96 -6.18 -17.24
CA TRP A 540 -17.46 -5.90 -15.91
C TRP A 540 -17.17 -7.07 -14.99
N LYS A 541 -16.98 -6.79 -13.72
CA LYS A 541 -16.59 -7.82 -12.77
C LYS A 541 -17.45 -7.71 -11.50
N PRO A 542 -17.66 -8.85 -10.80
CA PRO A 542 -18.45 -8.89 -9.55
C PRO A 542 -17.58 -8.58 -8.34
N ALA A 543 -18.16 -8.14 -7.24
CA ALA A 543 -17.37 -7.77 -6.05
C ALA A 543 -16.43 -8.88 -5.56
N SER A 544 -16.74 -10.11 -5.97
CA SER A 544 -15.92 -11.31 -5.71
C SER A 544 -14.72 -11.40 -6.66
N PHE A 545 -14.19 -10.25 -7.08
CA PHE A 545 -13.04 -10.17 -7.97
C PHE A 545 -11.84 -9.74 -7.15
N TRP A 546 -12.09 -8.99 -6.08
CA TRP A 546 -11.03 -8.55 -5.19
C TRP A 546 -10.74 -9.57 -4.07
N SER A 547 -9.47 -9.94 -3.90
CA SER A 547 -9.06 -10.91 -2.86
C SER A 547 -9.39 -10.40 -1.45
N LYS A 548 -10.18 -11.18 -0.72
CA LYS A 548 -10.71 -10.78 0.58
C LYS A 548 -9.65 -10.88 1.68
N ASP A 549 -8.60 -11.65 1.42
CA ASP A 549 -7.56 -11.90 2.41
C ASP A 549 -6.61 -10.71 2.52
N HIS A 550 -6.54 -9.93 1.44
CA HIS A 550 -5.53 -8.89 1.27
C HIS A 550 -6.04 -7.45 1.37
N PHE A 551 -5.11 -6.49 1.40
CA PHE A 551 -5.46 -5.07 1.53
C PHE A 551 -5.23 -4.34 0.21
N TYR A 552 -6.11 -3.41 -0.13
CA TYR A 552 -6.05 -2.74 -1.43
C TYR A 552 -5.86 -1.23 -1.32
N ASN A 553 -4.98 -0.66 -2.14
CA ASN A 553 -4.84 0.80 -2.24
C ASN A 553 -5.42 1.36 -3.57
N MET A 554 -5.94 2.58 -3.53
CA MET A 554 -6.59 3.19 -4.69
C MET A 554 -6.13 4.63 -4.91
N VAL A 555 -5.64 4.91 -6.11
CA VAL A 555 -5.24 6.29 -6.44
C VAL A 555 -6.25 6.90 -7.42
N LEU A 556 -6.65 8.13 -7.08
CA LEU A 556 -7.79 8.83 -7.68
C LEU A 556 -7.35 10.18 -8.21
N PRO A 557 -6.89 10.23 -9.47
CA PRO A 557 -6.30 11.44 -10.04
C PRO A 557 -7.26 12.62 -10.08
N GLN A 558 -6.78 13.79 -9.68
CA GLN A 558 -7.61 14.99 -9.69
C GLN A 558 -7.16 15.91 -10.81
N PRO A 559 -8.11 16.31 -11.66
CA PRO A 559 -7.76 17.22 -12.76
C PRO A 559 -7.75 18.66 -12.24
N PRO A 560 -6.88 19.50 -12.82
CA PRO A 560 -6.75 20.91 -12.39
C PRO A 560 -8.03 21.68 -12.64
N SER A 561 -8.07 22.97 -12.31
CA SER A 561 -9.34 23.70 -12.30
C SER A 561 -9.56 24.75 -13.38
N ASP A 562 -8.54 25.03 -14.20
CA ASP A 562 -8.72 25.92 -15.35
C ASP A 562 -8.19 25.35 -16.66
N ALA A 563 -9.06 25.19 -17.66
CA ALA A 563 -8.60 25.00 -19.05
C ALA A 563 -9.59 25.44 -20.15
N ASN B 1 20.25 -8.18 61.42
CA ASN B 1 19.11 -7.35 61.02
C ASN B 1 19.51 -6.17 60.14
N GLU B 2 18.94 -6.11 58.95
CA GLU B 2 19.18 -5.01 58.02
C GLU B 2 17.91 -4.78 57.20
N LEU B 3 18.05 -4.10 56.06
CA LEU B 3 16.92 -3.77 55.20
C LEU B 3 17.14 -4.22 53.74
N TRP B 4 16.08 -4.78 53.13
CA TRP B 4 16.19 -5.46 51.86
C TRP B 4 15.62 -4.68 50.68
N PHE B 5 16.10 -5.02 49.48
CA PHE B 5 15.65 -4.43 48.23
C PHE B 5 14.88 -5.46 47.42
N ILE B 6 13.94 -4.99 46.58
CA ILE B 6 13.03 -5.89 45.90
C ILE B 6 12.35 -5.18 44.75
N ASP B 7 12.31 -5.80 43.58
CA ASP B 7 11.61 -5.25 42.42
C ASP B 7 10.14 -5.67 42.46
N ALA B 8 9.37 -4.96 43.27
CA ALA B 8 7.98 -5.32 43.52
C ALA B 8 7.15 -5.46 42.25
N GLN B 9 7.40 -4.64 41.25
CA GLN B 9 6.72 -4.83 39.98
C GLN B 9 6.93 -6.26 39.45
N ALA B 10 8.16 -6.77 39.54
CA ALA B 10 8.45 -8.11 39.06
C ALA B 10 7.69 -9.19 39.89
N MET B 11 7.49 -8.91 41.17
CA MET B 11 6.79 -9.81 42.06
C MET B 11 5.35 -9.90 41.61
N PHE B 12 4.80 -8.73 41.32
CA PHE B 12 3.42 -8.64 40.91
C PHE B 12 3.23 -9.48 39.65
N GLN B 13 4.05 -9.21 38.63
CA GLN B 13 3.96 -9.94 37.37
C GLN B 13 4.11 -11.47 37.53
N ASN B 14 4.73 -11.88 38.63
CA ASN B 14 4.88 -13.30 38.91
C ASN B 14 3.54 -13.91 39.37
N TYR B 15 2.89 -13.25 40.34
CA TYR B 15 1.57 -13.65 40.82
C TYR B 15 0.56 -13.60 39.68
N ALA B 16 0.63 -12.51 38.92
CA ALA B 16 -0.12 -12.39 37.68
C ALA B 16 0.04 -13.65 36.84
N ASN B 17 1.27 -14.03 36.54
CA ASN B 17 1.52 -15.20 35.72
C ASN B 17 1.04 -16.53 36.33
N LEU B 18 1.13 -16.68 37.64
CA LEU B 18 0.71 -17.94 38.24
C LEU B 18 -0.78 -18.07 38.03
N ARG B 19 -1.48 -17.01 38.41
CA ARG B 19 -2.94 -16.96 38.36
C ARG B 19 -3.51 -17.13 36.96
N SER B 20 -2.73 -16.85 35.92
CA SER B 20 -3.21 -17.13 34.58
C SER B 20 -3.10 -18.63 34.24
N PHE B 21 -3.74 -19.46 35.08
CA PHE B 21 -3.76 -20.91 34.91
C PHE B 21 -5.07 -21.54 35.46
N THR B 31 -6.06 -24.82 48.68
CA THR B 31 -6.39 -24.10 47.45
C THR B 31 -5.91 -22.65 47.56
N THR B 32 -5.11 -22.40 48.59
CA THR B 32 -4.66 -21.06 48.88
C THR B 32 -3.18 -20.87 48.45
N ILE B 33 -2.85 -19.71 47.87
CA ILE B 33 -1.52 -19.45 47.33
C ILE B 33 -0.47 -18.93 48.32
N GLY B 34 0.72 -19.53 48.29
CA GLY B 34 1.86 -19.04 49.03
C GLY B 34 3.10 -18.79 48.20
N GLY B 35 4.27 -18.95 48.80
CA GLY B 35 5.50 -18.80 48.03
C GLY B 35 6.86 -18.81 48.71
N PHE B 36 7.88 -18.74 47.85
CA PHE B 36 9.28 -18.66 48.24
C PHE B 36 9.94 -17.40 47.70
N VAL B 37 10.83 -16.81 48.49
CA VAL B 37 11.68 -15.73 47.99
C VAL B 37 13.15 -16.14 47.91
N PHE B 38 13.72 -15.92 46.73
CA PHE B 38 15.12 -16.17 46.51
C PHE B 38 15.85 -14.84 46.26
N GLY B 39 17.07 -14.74 46.78
CA GLY B 39 17.86 -13.56 46.50
C GLY B 39 19.34 -13.72 46.75
N ARG B 40 20.05 -12.59 46.67
CA ARG B 40 21.46 -12.51 47.02
C ARG B 40 21.56 -12.18 48.51
N LYS B 41 21.94 -13.17 49.31
CA LYS B 41 21.77 -13.08 50.76
C LYS B 41 22.51 -11.93 51.43
N ALA B 42 23.83 -11.88 51.22
CA ALA B 42 24.68 -10.86 51.84
C ALA B 42 24.29 -9.44 51.42
N ARG B 43 24.24 -9.24 50.11
CA ARG B 43 23.82 -7.99 49.48
C ARG B 43 22.38 -7.56 49.86
N LYS B 44 21.67 -8.43 50.57
CA LYS B 44 20.26 -8.21 50.96
C LYS B 44 19.32 -7.86 49.79
N GLN B 45 19.48 -8.53 48.66
CA GLN B 45 18.74 -8.15 47.47
C GLN B 45 17.90 -9.31 46.86
N VAL B 46 16.60 -9.32 47.16
CA VAL B 46 15.63 -10.26 46.56
C VAL B 46 15.67 -10.23 45.03
N ILE B 47 15.64 -11.39 44.37
CA ILE B 47 15.78 -11.42 42.90
C ILE B 47 14.62 -12.13 42.18
N HIS B 48 13.94 -13.01 42.92
CA HIS B 48 13.00 -13.95 42.34
C HIS B 48 12.03 -14.30 43.42
N VAL B 49 10.79 -13.84 43.30
CA VAL B 49 9.79 -14.26 44.26
C VAL B 49 8.80 -15.10 43.50
N LEU B 50 8.61 -16.32 43.97
CA LEU B 50 7.96 -17.37 43.20
C LEU B 50 6.76 -17.93 43.94
N PHE B 51 5.59 -17.77 43.34
CA PHE B 51 4.36 -18.18 43.99
C PHE B 51 4.02 -19.64 43.65
N ALA B 52 3.45 -20.33 44.63
CA ALA B 52 2.95 -21.67 44.41
C ALA B 52 1.65 -21.89 45.19
N TYR B 53 0.73 -22.67 44.63
CA TYR B 53 -0.44 -23.13 45.40
C TYR B 53 -0.01 -24.06 46.55
N ALA B 54 -0.86 -24.19 47.56
CA ALA B 54 -0.51 -24.89 48.81
C ALA B 54 0.11 -26.28 48.63
N GLU B 55 -0.39 -27.03 47.66
CA GLU B 55 0.11 -28.37 47.39
C GLU B 55 1.59 -28.41 46.96
N ASP B 56 2.10 -27.29 46.45
CA ASP B 56 3.49 -27.26 45.94
C ASP B 56 4.49 -26.59 46.89
N LEU B 57 4.03 -26.14 48.05
CA LEU B 57 4.94 -25.59 49.03
C LEU B 57 5.68 -26.71 49.74
N THR B 58 6.28 -27.60 48.97
CA THR B 58 6.95 -28.76 49.55
C THR B 58 8.43 -28.47 49.63
N GLU B 59 9.15 -29.23 50.44
CA GLU B 59 10.61 -29.13 50.53
C GLU B 59 11.30 -29.63 49.25
N SER B 60 10.77 -30.68 48.66
CA SER B 60 11.22 -31.12 47.35
C SER B 60 11.11 -30.03 46.24
N ASN B 61 10.01 -29.29 46.16
CA ASN B 61 9.95 -28.26 45.13
C ASN B 61 10.87 -27.12 45.46
N ARG B 62 11.01 -26.84 46.75
CA ARG B 62 11.82 -25.74 47.22
C ARG B 62 13.25 -25.98 46.76
N GLN B 63 13.69 -27.24 46.78
CA GLN B 63 15.05 -27.54 46.35
C GLN B 63 15.21 -27.76 44.85
N PHE B 64 14.12 -28.06 44.16
CA PHE B 64 14.19 -28.09 42.70
C PHE B 64 14.35 -26.68 42.18
N LEU B 65 13.67 -25.74 42.84
CA LEU B 65 13.76 -24.34 42.49
C LEU B 65 15.19 -23.85 42.67
N GLU B 66 15.69 -23.94 43.89
CA GLU B 66 17.01 -23.44 44.21
C GLU B 66 18.07 -23.94 43.27
N SER B 67 17.94 -25.16 42.78
CA SER B 67 19.00 -25.72 41.97
C SER B 67 18.89 -25.19 40.57
N SER B 68 17.81 -24.46 40.31
CA SER B 68 17.59 -23.99 38.95
C SER B 68 17.95 -22.53 38.80
N LEU B 69 18.15 -21.88 39.94
CA LEU B 69 18.57 -20.51 39.97
C LEU B 69 20.10 -20.40 39.92
N SER B 70 20.58 -19.24 39.47
CA SER B 70 22.00 -18.92 39.46
C SER B 70 22.67 -19.06 40.82
N ALA B 71 23.93 -19.44 40.81
CA ALA B 71 24.62 -19.88 42.02
C ALA B 71 24.76 -18.84 43.13
N ASP B 72 24.59 -17.55 42.81
CA ASP B 72 24.75 -16.54 43.84
C ASP B 72 23.46 -16.23 44.58
N ILE B 73 22.35 -16.74 44.06
CA ILE B 73 21.02 -16.60 44.66
C ILE B 73 20.64 -17.82 45.49
N GLU B 74 20.15 -17.60 46.70
CA GLU B 74 19.67 -18.70 47.52
C GLU B 74 18.32 -18.37 48.12
N LEU B 75 17.74 -19.32 48.83
CA LEU B 75 16.50 -19.07 49.50
C LEU B 75 16.77 -18.06 50.60
N VAL B 76 15.97 -17.00 50.65
CA VAL B 76 16.12 -15.98 51.68
C VAL B 76 14.85 -15.78 52.54
N GLY B 77 13.67 -16.10 52.01
CA GLY B 77 12.46 -16.10 52.83
C GLY B 77 11.14 -16.59 52.25
N ASN B 78 10.11 -16.58 53.09
CA ASN B 78 8.76 -17.00 52.73
C ASN B 78 7.87 -15.82 52.32
N LEU B 79 6.57 -16.07 52.39
CA LEU B 79 5.62 -15.20 51.78
C LEU B 79 4.22 -15.64 52.28
N ASN B 80 3.48 -14.73 52.88
CA ASN B 80 2.15 -15.06 53.42
C ASN B 80 1.08 -14.13 52.85
N ILE B 81 0.14 -14.69 52.08
CA ILE B 81 -0.94 -13.87 51.54
C ILE B 81 -2.21 -14.02 52.37
N ASP B 82 -2.83 -12.88 52.66
CA ASP B 82 -4.10 -12.82 53.39
C ASP B 82 -4.07 -13.54 54.74
N GLY B 83 -2.86 -13.77 55.25
CA GLY B 83 -2.67 -14.34 56.57
C GLY B 83 -2.89 -15.85 56.59
N GLN B 84 -3.36 -16.37 55.47
CA GLN B 84 -3.73 -17.78 55.42
C GLN B 84 -3.02 -18.47 54.27
N SER B 85 -1.69 -18.43 54.33
CA SER B 85 -0.88 -19.22 53.42
C SER B 85 -0.36 -20.42 54.16
N GLN B 86 -0.26 -21.54 53.47
CA GLN B 86 0.50 -22.66 53.96
C GLN B 86 1.91 -22.09 54.09
N ILE B 87 2.56 -22.26 55.23
CA ILE B 87 3.90 -21.69 55.43
C ILE B 87 5.00 -22.74 55.66
N LEU B 88 5.99 -22.78 54.75
CA LEU B 88 7.10 -23.71 54.89
C LEU B 88 8.37 -23.08 55.49
N PRO B 89 8.78 -23.57 56.68
CA PRO B 89 9.98 -23.12 57.40
C PRO B 89 11.21 -22.97 56.52
N GLY B 90 11.86 -21.81 56.61
CA GLY B 90 13.10 -21.59 55.88
C GLY B 90 13.27 -20.14 55.50
N GLY B 91 14.51 -19.73 55.27
CA GLY B 91 14.79 -18.34 54.99
C GLY B 91 14.75 -17.61 56.32
N GLN B 92 14.91 -16.29 56.28
CA GLN B 92 15.05 -15.54 57.53
C GLN B 92 13.95 -14.49 57.72
N PHE B 93 13.22 -14.17 56.66
CA PHE B 93 12.01 -13.36 56.78
C PHE B 93 10.78 -14.01 56.12
N THR B 94 9.61 -13.41 56.34
CA THR B 94 8.37 -13.83 55.69
C THR B 94 7.63 -12.60 55.21
N LEU B 95 7.59 -12.39 53.91
CA LEU B 95 6.82 -11.27 53.36
C LEU B 95 5.37 -11.32 53.83
N GLN B 96 4.67 -10.18 53.72
CA GLN B 96 3.25 -10.14 54.04
C GLN B 96 2.51 -9.49 52.91
N LEU B 97 1.71 -10.28 52.19
CA LEU B 97 0.93 -9.71 51.12
C LEU B 97 -0.56 -9.79 51.39
N THR B 98 -1.32 -9.18 50.49
CA THR B 98 -2.77 -9.32 50.43
C THR B 98 -3.17 -9.34 48.96
N SER B 99 -4.32 -9.94 48.67
CA SER B 99 -4.72 -10.14 47.29
C SER B 99 -5.07 -8.82 46.59
N ARG B 100 -5.69 -7.92 47.34
CA ARG B 100 -5.94 -6.55 46.87
C ARG B 100 -4.63 -5.97 46.32
N MET B 101 -3.64 -5.91 47.22
CA MET B 101 -2.29 -5.43 46.94
C MET B 101 -1.71 -6.02 45.65
N LEU B 102 -1.77 -7.35 45.56
CA LEU B 102 -1.16 -8.07 44.44
C LEU B 102 -1.91 -7.84 43.15
N GLU B 103 -3.23 -7.91 43.20
CA GLU B 103 -4.05 -7.89 41.99
C GLU B 103 -4.18 -6.46 41.44
N ASN B 104 -4.32 -5.50 42.34
CA ASN B 104 -4.22 -4.10 41.99
C ASN B 104 -2.77 -3.74 41.67
N ARG B 105 -1.86 -4.63 42.09
CA ARG B 105 -0.42 -4.48 41.90
C ARG B 105 0.11 -3.07 42.10
N SER B 106 -0.13 -2.52 43.28
CA SER B 106 0.43 -1.21 43.58
C SER B 106 1.48 -1.33 44.69
N ILE B 107 2.60 -0.67 44.46
CA ILE B 107 3.78 -0.75 45.33
C ILE B 107 3.55 -0.17 46.72
N SER B 108 2.69 0.85 46.77
CA SER B 108 2.40 1.61 47.98
C SER B 108 1.94 0.74 49.15
N GLU B 109 0.94 -0.11 48.90
CA GLU B 109 0.36 -0.93 49.97
C GLU B 109 1.38 -1.94 50.44
N PHE B 110 2.20 -2.40 49.50
CA PHE B 110 3.25 -3.38 49.77
C PHE B 110 4.25 -2.90 50.81
N LEU B 111 4.85 -1.75 50.52
CA LEU B 111 5.80 -1.09 51.39
C LEU B 111 5.20 -0.81 52.76
N ASP B 112 3.94 -0.41 52.78
CA ASP B 112 3.24 -0.11 54.03
C ASP B 112 3.18 -1.32 54.93
N MET B 113 2.81 -2.46 54.35
CA MET B 113 2.61 -3.66 55.16
C MET B 113 3.96 -4.32 55.42
N ASN B 114 4.85 -4.16 54.44
CA ASN B 114 6.23 -4.64 54.55
C ASN B 114 7.29 -3.54 54.75
N VAL B 115 7.46 -3.11 55.99
CA VAL B 115 8.56 -2.20 56.31
C VAL B 115 9.84 -2.98 56.09
N MET B 116 10.98 -2.31 56.17
CA MET B 116 12.31 -2.93 55.98
C MET B 116 12.55 -3.35 54.54
N PHE B 117 11.67 -2.95 53.64
CA PHE B 117 11.87 -3.25 52.22
C PHE B 117 11.83 -1.98 51.41
N ASN B 118 12.64 -1.91 50.37
CA ASN B 118 12.64 -0.75 49.50
C ASN B 118 12.40 -1.22 48.10
N ASN B 119 11.42 -0.67 47.40
CA ASN B 119 11.23 -1.07 46.01
C ASN B 119 12.39 -0.55 45.16
N GLU B 120 12.81 -1.35 44.20
CA GLU B 120 13.99 -1.04 43.39
C GLU B 120 13.89 -1.80 42.07
N HIS B 121 13.94 -1.10 40.94
CA HIS B 121 13.93 -1.80 39.66
C HIS B 121 15.29 -2.51 39.47
N VAL B 122 15.39 -3.75 39.96
CA VAL B 122 16.62 -4.55 39.90
C VAL B 122 17.05 -4.89 38.46
N LEU B 123 18.33 -4.68 38.16
CA LEU B 123 18.85 -4.85 36.80
C LEU B 123 19.80 -6.05 36.63
N MET B 124 19.96 -6.51 35.39
CA MET B 124 20.95 -7.54 35.07
C MET B 124 22.36 -7.12 35.49
N GLU B 125 23.19 -8.09 35.88
CA GLU B 125 24.58 -7.82 36.21
C GLU B 125 25.55 -8.88 35.68
N GLY B 126 26.83 -8.54 35.71
CA GLY B 126 27.90 -9.49 35.50
C GLY B 126 27.95 -10.22 34.18
N ALA B 127 29.03 -10.99 34.03
CA ALA B 127 29.25 -11.83 32.87
C ALA B 127 28.91 -13.27 33.27
N SER B 128 28.95 -14.17 32.29
CA SER B 128 28.66 -15.55 32.57
C SER B 128 29.82 -16.49 32.18
N CYS B 129 30.39 -17.17 33.17
CA CYS B 129 31.36 -18.23 32.90
C CYS B 129 30.64 -19.54 32.60
N VAL B 130 31.00 -20.18 31.51
CA VAL B 130 30.43 -21.44 31.16
C VAL B 130 31.53 -22.47 30.91
N SER B 131 31.27 -23.72 31.27
CA SER B 131 32.10 -24.85 30.85
C SER B 131 31.23 -26.08 30.57
N ARG B 132 31.70 -27.04 29.80
CA ARG B 132 31.02 -28.33 29.70
C ARG B 132 31.65 -29.28 30.71
N VAL B 133 30.83 -30.12 31.34
CA VAL B 133 31.32 -31.14 32.27
C VAL B 133 30.68 -32.47 31.92
N GLY B 134 31.10 -33.53 32.62
CA GLY B 134 30.61 -34.86 32.32
C GLY B 134 30.80 -35.80 33.50
N TYR B 135 29.73 -36.44 33.92
CA TYR B 135 29.87 -37.43 34.98
C TYR B 135 29.28 -38.72 34.45
N GLU B 136 29.56 -39.81 35.15
CA GLU B 136 29.09 -41.14 34.77
C GLU B 136 28.55 -41.77 36.02
N TRP B 137 27.31 -42.22 35.97
CA TRP B 137 26.69 -42.82 37.12
C TRP B 137 26.37 -44.29 36.83
N SER B 138 26.69 -45.17 37.78
CA SER B 138 26.40 -46.59 37.63
C SER B 138 25.27 -46.96 38.54
N LEU B 139 24.22 -47.47 37.93
CA LEU B 139 22.93 -47.68 38.59
C LEU B 139 22.55 -49.16 38.67
N ARG B 140 22.60 -49.69 39.90
CA ARG B 140 22.30 -51.09 40.15
C ARG B 140 20.86 -51.38 39.73
N ALA B 141 20.67 -52.55 39.12
CA ALA B 141 19.36 -52.94 38.64
C ALA B 141 18.38 -53.04 39.81
N GLY B 142 17.20 -52.46 39.63
CA GLY B 142 16.17 -52.49 40.65
C GLY B 142 16.44 -51.55 41.79
N ARG B 143 17.51 -50.77 41.68
CA ARG B 143 17.89 -49.83 42.74
C ARG B 143 18.15 -48.42 42.24
N GLU B 144 17.78 -48.14 40.99
CA GLU B 144 18.19 -46.92 40.28
C GLU B 144 17.96 -45.63 41.08
N GLN B 145 16.72 -45.41 41.47
CA GLN B 145 16.38 -44.19 42.17
C GLN B 145 17.28 -43.99 43.37
N GLU B 146 17.50 -45.03 44.16
CA GLU B 146 18.33 -44.91 45.34
C GLU B 146 19.80 -44.72 44.95
N ASP B 147 20.17 -45.32 43.82
CA ASP B 147 21.52 -45.27 43.32
C ASP B 147 21.87 -43.91 42.75
N VAL B 148 20.91 -43.30 42.05
CA VAL B 148 21.08 -41.96 41.49
C VAL B 148 21.25 -40.94 42.60
N LYS B 149 20.38 -41.01 43.59
CA LYS B 149 20.42 -40.06 44.69
C LYS B 149 21.75 -40.09 45.45
N SER B 150 22.37 -41.26 45.56
CA SER B 150 23.65 -41.33 46.27
C SER B 150 24.76 -40.79 45.37
N ALA B 151 24.75 -41.19 44.10
CA ALA B 151 25.79 -40.79 43.16
C ALA B 151 25.93 -39.29 43.15
N ALA B 152 24.79 -38.62 43.25
CA ALA B 152 24.75 -37.18 43.19
C ALA B 152 25.22 -36.56 44.48
N GLU B 153 24.96 -37.20 45.61
CA GLU B 153 25.49 -36.71 46.89
C GLU B 153 27.03 -36.81 46.90
N ARG B 154 27.54 -37.91 46.37
CA ARG B 154 28.98 -38.10 46.29
C ARG B 154 29.60 -37.04 45.39
N LEU B 155 28.98 -36.82 44.23
CA LEU B 155 29.52 -35.89 43.23
C LEU B 155 29.65 -34.48 43.79
N SER B 156 28.71 -34.11 44.64
CA SER B 156 28.75 -32.82 45.29
C SER B 156 29.95 -32.67 46.23
N MET B 157 30.50 -33.80 46.71
CA MET B 157 31.70 -33.76 47.56
C MET B 157 32.97 -33.91 46.74
N ALA B 158 32.84 -34.40 45.52
CA ALA B 158 33.97 -34.45 44.62
C ALA B 158 34.27 -33.09 44.02
N SER B 159 33.22 -32.34 43.72
CA SER B 159 33.29 -31.18 42.82
C SER B 159 34.36 -30.15 43.16
N PHE B 160 34.74 -30.09 44.44
CA PHE B 160 35.64 -29.02 44.88
C PHE B 160 37.06 -29.25 44.40
N ARG B 161 37.30 -30.41 43.82
CA ARG B 161 38.60 -30.75 43.31
C ARG B 161 38.64 -30.61 41.79
N PHE B 162 37.66 -29.90 41.23
CA PHE B 162 37.70 -29.60 39.80
C PHE B 162 38.45 -28.29 39.57
N THR B 163 38.78 -28.01 38.32
CA THR B 163 39.58 -26.85 37.95
C THR B 163 39.11 -26.35 36.60
N TYR B 164 38.93 -25.05 36.47
CA TYR B 164 38.44 -24.52 35.22
C TYR B 164 39.45 -23.56 34.64
N LEU B 165 39.62 -23.65 33.34
CA LEU B 165 40.81 -23.12 32.73
C LEU B 165 40.54 -22.50 31.38
N ASN B 166 40.95 -21.24 31.21
CA ASN B 166 40.87 -20.60 29.91
C ASN B 166 42.25 -20.31 29.34
N ALA B 167 42.64 -21.12 28.36
CA ALA B 167 43.97 -21.03 27.74
C ALA B 167 44.31 -19.63 27.22
N GLU B 168 43.43 -19.09 26.37
CA GLU B 168 43.62 -17.78 25.74
C GLU B 168 44.13 -16.70 26.69
N HIS B 169 43.38 -16.42 27.75
CA HIS B 169 43.74 -15.36 28.67
C HIS B 169 44.41 -15.87 29.92
N GLY B 170 44.80 -17.13 29.92
CA GLY B 170 45.46 -17.74 31.06
C GLY B 170 44.75 -17.52 32.40
N LEU B 171 43.46 -17.83 32.40
CA LEU B 171 42.62 -17.70 33.59
C LEU B 171 42.48 -19.08 34.19
N VAL B 172 42.50 -19.16 35.51
CA VAL B 172 42.40 -20.44 36.15
C VAL B 172 41.59 -20.37 37.45
N ILE B 173 40.44 -21.05 37.43
CA ILE B 173 39.55 -21.10 38.59
C ILE B 173 39.64 -22.48 39.22
N ARG B 174 39.95 -22.48 40.50
CA ARG B 174 40.44 -23.66 41.15
C ARG B 174 40.48 -23.36 42.65
N GLU B 175 40.29 -24.39 43.48
CA GLU B 175 40.32 -24.20 44.92
C GLU B 175 41.65 -23.58 45.37
N GLN B 176 41.60 -22.75 46.39
CA GLN B 176 42.79 -22.05 46.89
C GLN B 176 42.56 -21.53 48.31
N LYS B 177 43.64 -21.43 49.09
CA LYS B 177 43.56 -20.88 50.44
C LYS B 177 43.15 -19.41 50.33
N PRO B 178 42.43 -18.90 51.33
CA PRO B 178 41.91 -17.52 51.28
C PRO B 178 42.99 -16.49 50.97
N GLU B 179 44.23 -16.79 51.35
CA GLU B 179 45.35 -15.89 51.17
C GLU B 179 45.99 -16.07 49.80
N ALA B 180 45.59 -17.09 49.08
CA ALA B 180 46.06 -17.28 47.71
C ALA B 180 45.25 -16.43 46.74
N ALA B 181 44.26 -15.72 47.29
CA ALA B 181 43.22 -15.09 46.46
C ALA B 181 43.71 -13.90 45.64
N GLN B 182 43.41 -13.93 44.34
CA GLN B 182 43.74 -12.82 43.44
C GLN B 182 42.53 -11.94 43.23
N GLN B 183 42.46 -10.80 43.92
CA GLN B 183 41.32 -9.89 43.83
C GLN B 183 41.13 -9.31 42.44
N LYS B 184 39.96 -8.73 42.21
CA LYS B 184 39.58 -8.18 40.91
C LYS B 184 39.95 -9.06 39.72
N TYR B 185 39.87 -10.38 39.94
CA TYR B 185 40.45 -11.39 39.05
C TYR B 185 39.93 -11.36 37.62
N LEU B 186 38.69 -10.96 37.45
CA LEU B 186 38.08 -11.08 36.13
C LEU B 186 37.45 -9.78 35.66
N ASP B 187 37.68 -8.72 36.44
CA ASP B 187 37.11 -7.39 36.19
C ASP B 187 37.19 -6.90 34.75
N LYS B 188 38.31 -7.17 34.09
CA LYS B 188 38.45 -6.82 32.68
C LYS B 188 37.29 -7.36 31.83
N PHE B 189 36.74 -8.51 32.25
CA PHE B 189 35.77 -9.27 31.44
C PHE B 189 34.35 -9.04 31.90
N SER B 190 34.20 -8.66 33.17
CA SER B 190 32.87 -8.56 33.74
C SER B 190 32.33 -7.14 33.86
N LYS B 191 33.07 -6.14 33.36
CA LYS B 191 32.61 -4.74 33.41
C LYS B 191 31.34 -4.53 32.59
N GLY B 192 31.39 -4.98 31.34
CA GLY B 192 30.18 -5.25 30.57
C GLY B 192 29.38 -6.23 31.44
N ALA B 193 28.25 -5.75 31.96
CA ALA B 193 27.52 -6.50 32.99
C ALA B 193 26.31 -7.16 32.31
N VAL B 194 26.50 -7.91 31.22
CA VAL B 194 25.31 -8.59 30.66
C VAL B 194 25.34 -10.16 30.47
N PRO B 195 24.64 -10.86 31.37
CA PRO B 195 24.80 -12.32 31.50
C PRO B 195 24.35 -13.14 30.31
N TYR B 196 23.52 -12.56 29.43
CA TYR B 196 23.01 -13.36 28.32
C TYR B 196 23.91 -13.32 27.10
N LYS B 197 24.89 -12.44 27.13
CA LYS B 197 25.66 -12.11 25.94
C LYS B 197 27.18 -12.14 26.17
N ASP B 198 27.60 -11.77 27.38
CA ASP B 198 29.04 -11.64 27.71
C ASP B 198 29.56 -12.88 28.46
N VAL B 199 30.13 -13.83 27.72
CA VAL B 199 30.52 -15.09 28.33
C VAL B 199 32.04 -15.37 28.31
N ILE B 200 32.53 -15.95 29.39
CA ILE B 200 33.87 -16.52 29.41
C ILE B 200 33.83 -18.05 29.47
N GLU B 201 34.32 -18.69 28.42
CA GLU B 201 34.33 -20.15 28.35
C GLU B 201 35.58 -20.78 28.97
N PHE B 202 35.37 -21.78 29.82
CA PHE B 202 36.50 -22.56 30.38
C PHE B 202 36.45 -24.04 30.01
N THR B 203 37.57 -24.74 30.16
CA THR B 203 37.52 -26.20 30.12
C THR B 203 37.68 -26.71 31.54
N ALA B 204 36.84 -27.69 31.88
CA ALA B 204 36.73 -28.18 33.25
C ALA B 204 37.59 -29.41 33.37
N MET B 205 38.46 -29.43 34.36
CA MET B 205 39.41 -30.52 34.45
C MET B 205 39.38 -31.11 35.82
N GLN B 206 39.94 -32.32 35.93
CA GLN B 206 40.15 -32.92 37.25
C GLN B 206 41.46 -33.70 37.25
N SER B 207 41.97 -33.97 38.44
CA SER B 207 43.26 -34.61 38.54
C SER B 207 43.29 -36.04 38.01
N LEU B 208 44.39 -36.38 37.33
CA LEU B 208 44.59 -37.74 36.81
C LEU B 208 44.77 -38.68 37.98
N THR B 209 45.07 -38.09 39.13
CA THR B 209 45.10 -38.81 40.38
C THR B 209 43.66 -38.90 40.87
N PHE B 234 23.61 -53.85 35.42
CA PHE B 234 23.48 -52.43 35.84
C PHE B 234 23.36 -51.46 34.66
N THR B 235 22.80 -50.27 34.95
CA THR B 235 22.64 -49.20 33.96
C THR B 235 23.71 -48.13 34.08
N ARG B 236 24.27 -47.74 32.94
CA ARG B 236 25.37 -46.80 32.92
C ARG B 236 24.87 -45.50 32.32
N LEU B 237 24.63 -44.51 33.17
CA LEU B 237 24.16 -43.20 32.70
C LEU B 237 25.33 -42.23 32.61
N VAL B 238 25.42 -41.54 31.49
CA VAL B 238 26.48 -40.56 31.33
C VAL B 238 25.90 -39.20 30.97
N THR B 239 26.24 -38.17 31.74
CA THR B 239 25.68 -36.86 31.50
C THR B 239 26.74 -35.94 30.92
N ILE B 240 26.42 -35.29 29.81
CA ILE B 240 27.23 -34.17 29.35
C ILE B 240 26.38 -32.91 29.37
N GLY B 241 26.85 -31.90 30.08
CA GLY B 241 26.07 -30.67 30.19
C GLY B 241 26.93 -29.47 30.51
N GLU B 242 26.35 -28.29 30.35
CA GLU B 242 27.06 -27.09 30.70
C GLU B 242 26.75 -26.65 32.12
N VAL B 243 27.71 -26.01 32.77
CA VAL B 243 27.46 -25.38 34.04
C VAL B 243 27.79 -23.94 33.82
N VAL B 244 26.91 -23.06 34.29
CA VAL B 244 27.03 -21.63 34.03
C VAL B 244 26.96 -20.87 35.33
N PHE B 245 27.98 -20.08 35.63
CA PHE B 245 27.92 -19.29 36.85
C PHE B 245 28.25 -17.83 36.57
N PRO B 246 27.68 -16.94 37.39
CA PRO B 246 27.91 -15.50 37.22
C PRO B 246 29.28 -15.03 37.71
N ALA B 247 29.92 -14.22 36.86
CA ALA B 247 31.11 -13.44 37.21
C ALA B 247 30.73 -11.97 37.38
N PHE B 248 30.83 -11.47 38.60
CA PHE B 248 30.52 -10.08 38.87
C PHE B 248 31.80 -9.26 38.98
N PHE B 249 31.71 -8.00 38.55
CA PHE B 249 32.77 -7.03 38.77
C PHE B 249 33.08 -6.94 40.27
N GLY B 250 34.36 -7.12 40.61
CA GLY B 250 34.82 -7.03 41.98
C GLY B 250 35.01 -8.37 42.66
N ASP B 251 34.91 -9.44 41.89
CA ASP B 251 35.04 -10.80 42.43
C ASP B 251 36.49 -11.17 42.60
N SER B 252 36.83 -11.78 43.72
CA SER B 252 38.14 -12.43 43.80
C SER B 252 38.10 -13.79 43.08
N SER B 253 39.26 -14.40 42.89
CA SER B 253 39.28 -15.70 42.25
C SER B 253 38.74 -16.74 43.24
N LEU B 254 38.68 -16.36 44.52
CA LEU B 254 38.13 -17.25 45.54
C LEU B 254 36.60 -17.24 45.52
N ASP B 255 36.03 -16.06 45.27
CA ASP B 255 34.58 -15.91 45.14
C ASP B 255 34.10 -16.75 43.97
N LEU B 256 34.82 -16.65 42.86
CA LEU B 256 34.55 -17.45 41.69
C LEU B 256 34.66 -18.95 41.93
N TYR B 257 35.54 -19.41 42.79
CA TYR B 257 35.68 -20.85 42.90
C TYR B 257 34.49 -21.38 43.65
N LYS B 258 34.18 -20.74 44.78
CA LYS B 258 33.02 -21.10 45.59
C LYS B 258 31.72 -21.21 44.77
N ARG B 259 31.58 -20.31 43.80
CA ARG B 259 30.37 -20.17 43.02
C ARG B 259 30.31 -21.20 41.93
N SER B 260 31.45 -21.46 41.30
CA SER B 260 31.55 -22.44 40.22
C SER B 260 31.20 -23.81 40.76
N ARG B 261 31.44 -23.98 42.05
CA ARG B 261 31.27 -25.27 42.66
C ARG B 261 29.80 -25.47 43.01
N GLU B 262 29.20 -24.45 43.62
CA GLU B 262 27.76 -24.46 43.85
C GLU B 262 27.00 -24.55 42.54
N ALA B 263 27.53 -23.92 41.49
CA ALA B 263 26.90 -23.99 40.19
C ALA B 263 26.90 -25.44 39.73
N PHE B 264 28.04 -26.09 39.87
CA PHE B 264 28.18 -27.48 39.45
C PHE B 264 27.22 -28.38 40.24
N ASN B 265 27.22 -28.23 41.55
CA ASN B 265 26.37 -29.09 42.36
C ASN B 265 24.89 -28.95 41.99
N ARG B 266 24.44 -27.72 41.86
CA ARG B 266 23.05 -27.44 41.53
C ARG B 266 22.61 -28.16 40.26
N ARG B 267 23.48 -28.12 39.25
CA ARG B 267 23.20 -28.80 38.01
C ARG B 267 23.11 -30.30 38.20
N ALA B 268 24.04 -30.85 38.96
CA ALA B 268 24.04 -32.29 39.22
C ALA B 268 22.77 -32.71 39.99
N ASN B 269 22.47 -31.99 41.05
CA ASN B 269 21.18 -32.15 41.72
C ASN B 269 19.97 -32.04 40.78
N ASN B 270 20.00 -31.12 39.82
CA ASN B 270 18.88 -30.98 38.88
C ASN B 270 18.71 -32.25 38.04
N THR B 271 19.82 -32.72 37.48
CA THR B 271 19.85 -33.99 36.78
C THR B 271 19.35 -35.13 37.66
N MET B 272 19.84 -35.17 38.90
CA MET B 272 19.40 -36.18 39.85
C MET B 272 17.87 -36.15 39.97
N MET B 273 17.34 -34.96 40.28
CA MET B 273 15.91 -34.80 40.42
C MET B 273 15.12 -35.24 39.20
N VAL B 274 15.51 -34.75 38.04
CA VAL B 274 14.73 -35.00 36.84
C VAL B 274 14.87 -36.48 36.42
N THR B 275 16.03 -37.08 36.66
CA THR B 275 16.12 -38.49 36.27
C THR B 275 15.36 -39.41 37.24
N VAL B 276 15.33 -39.08 38.53
CA VAL B 276 14.46 -39.78 39.48
C VAL B 276 12.98 -39.64 39.09
N ASN B 277 12.59 -38.45 38.66
CA ASN B 277 11.23 -38.20 38.21
C ASN B 277 10.86 -39.14 37.07
N GLY B 278 11.85 -39.45 36.24
CA GLY B 278 11.66 -40.34 35.12
C GLY B 278 11.53 -41.78 35.57
N ILE B 279 12.42 -42.21 36.46
CA ILE B 279 12.31 -43.51 37.11
C ILE B 279 10.92 -43.73 37.70
N ARG B 280 10.52 -42.83 38.60
CA ARG B 280 9.23 -42.98 39.28
C ARG B 280 8.00 -42.93 38.36
N ALA B 281 8.10 -42.25 37.21
CA ALA B 281 6.94 -42.13 36.33
C ALA B 281 6.79 -43.31 35.38
N GLY B 282 7.74 -44.24 35.45
CA GLY B 282 7.74 -45.40 34.59
C GLY B 282 8.44 -45.19 33.25
N ARG B 283 9.13 -44.07 33.12
CA ARG B 283 9.74 -43.71 31.86
C ARG B 283 11.21 -44.18 31.74
N GLY B 284 11.72 -44.85 32.76
CA GLY B 284 13.07 -45.41 32.69
C GLY B 284 14.19 -44.40 32.85
N VAL B 285 15.43 -44.88 32.78
CA VAL B 285 16.60 -44.00 32.87
C VAL B 285 16.87 -43.28 31.56
N THR B 286 17.12 -41.98 31.64
CA THR B 286 17.09 -41.12 30.46
C THR B 286 18.19 -40.05 30.49
N THR B 287 18.71 -39.75 29.31
CA THR B 287 19.69 -38.68 29.20
C THR B 287 18.99 -37.34 29.19
N THR B 288 19.66 -36.33 29.73
CA THR B 288 19.10 -35.00 29.78
C THR B 288 19.95 -34.13 28.89
N THR B 289 19.42 -33.00 28.45
CA THR B 289 20.31 -32.03 27.84
C THR B 289 20.26 -30.74 28.64
N SER B 290 21.41 -30.10 28.78
CA SER B 290 21.54 -28.88 29.56
C SER B 290 21.03 -27.71 28.82
N ALA B 291 20.20 -26.90 29.46
CA ALA B 291 19.76 -25.69 28.80
C ALA B 291 19.89 -24.53 29.76
N THR B 292 20.07 -23.35 29.21
CA THR B 292 20.13 -22.15 30.03
C THR B 292 19.31 -21.06 29.37
N TYR B 293 18.47 -20.42 30.18
CA TYR B 293 17.46 -19.52 29.68
C TYR B 293 17.47 -18.17 30.38
N LEU B 294 17.01 -17.16 29.65
CA LEU B 294 16.65 -15.90 30.25
C LEU B 294 15.16 -15.65 29.98
N PRO B 295 14.30 -16.15 30.86
CA PRO B 295 12.86 -15.90 30.69
C PRO B 295 12.58 -14.42 30.83
N PRO B 296 11.40 -13.95 30.36
CA PRO B 296 11.18 -12.51 30.20
C PRO B 296 10.87 -11.83 31.53
N GLY B 297 11.59 -10.75 31.83
CA GLY B 297 11.44 -10.00 33.07
C GLY B 297 12.47 -10.45 34.08
N TRP B 298 13.18 -11.51 33.69
CA TRP B 298 14.21 -12.03 34.54
C TRP B 298 15.49 -11.21 34.40
N VAL B 299 16.14 -10.96 35.54
CA VAL B 299 17.43 -10.30 35.56
C VAL B 299 18.57 -11.28 35.90
N SER B 300 18.21 -12.51 36.26
CA SER B 300 19.19 -13.58 36.49
C SER B 300 18.82 -14.76 35.64
N LEU B 301 19.77 -15.65 35.31
CA LEU B 301 19.48 -16.81 34.44
C LEU B 301 18.77 -17.99 35.14
N LEU B 302 18.20 -18.87 34.32
CA LEU B 302 17.52 -20.08 34.78
C LEU B 302 18.23 -21.29 34.17
N HIS B 303 18.58 -22.28 35.00
CA HIS B 303 19.39 -23.39 34.52
C HIS B 303 18.61 -24.66 34.68
N LEU B 304 18.43 -25.40 33.58
CA LEU B 304 17.56 -26.58 33.59
C LEU B 304 18.20 -27.79 32.95
N GLN B 305 17.90 -28.96 33.51
CA GLN B 305 18.31 -30.19 32.85
C GLN B 305 17.05 -30.77 32.26
N LEU B 306 17.03 -30.94 30.94
CA LEU B 306 15.79 -31.30 30.25
C LEU B 306 15.74 -32.76 29.83
N PRO B 307 14.62 -33.44 30.17
CA PRO B 307 14.35 -34.84 29.84
C PRO B 307 14.00 -34.99 28.37
N THR B 308 15.02 -35.11 27.53
CA THR B 308 14.82 -35.07 26.09
C THR B 308 14.61 -36.44 25.40
N LYS B 309 14.62 -37.53 26.17
CA LYS B 309 14.20 -38.81 25.63
C LYS B 309 12.75 -39.15 26.01
N TRP B 310 12.06 -38.20 26.63
CA TRP B 310 10.64 -38.36 26.89
C TRP B 310 9.83 -38.11 25.58
N THR B 311 8.60 -38.60 25.54
CA THR B 311 7.71 -38.38 24.39
C THR B 311 7.43 -36.90 24.23
N ASP B 312 7.10 -36.47 23.02
CA ASP B 312 6.92 -35.05 22.75
C ASP B 312 5.86 -34.44 23.68
N ASN B 313 4.82 -35.21 24.02
CA ASN B 313 3.78 -34.69 24.90
C ASN B 313 4.21 -34.69 26.37
N GLU B 314 5.00 -35.68 26.77
CA GLU B 314 5.58 -35.66 28.10
C GLU B 314 6.45 -34.39 28.30
N GLN B 315 7.33 -34.12 27.35
CA GLN B 315 8.13 -32.89 27.32
C GLN B 315 7.28 -31.65 27.39
N ARG B 316 6.24 -31.59 26.58
CA ARG B 316 5.37 -30.43 26.54
C ARG B 316 4.71 -30.27 27.90
N ASN B 317 4.43 -31.40 28.53
CA ASN B 317 3.77 -31.36 29.81
C ASN B 317 4.73 -30.90 30.87
N TYR B 318 5.95 -31.40 30.79
CA TYR B 318 7.04 -30.92 31.62
C TYR B 318 7.19 -29.38 31.54
N ARG B 319 7.37 -28.84 30.33
CA ARG B 319 7.44 -27.39 30.14
C ARG B 319 6.33 -26.65 30.88
N ILE B 320 5.10 -27.11 30.71
CA ILE B 320 3.97 -26.49 31.37
C ILE B 320 4.16 -26.42 32.87
N ARG B 321 4.55 -27.56 33.44
CA ARG B 321 4.82 -27.70 34.85
C ARG B 321 5.89 -26.70 35.30
N LEU B 322 6.95 -26.57 34.50
CA LEU B 322 8.01 -25.60 34.78
C LEU B 322 7.48 -24.16 34.74
N HIS B 323 6.67 -23.81 33.73
CA HIS B 323 5.99 -22.51 33.68
C HIS B 323 5.25 -22.25 35.00
N LYS B 324 4.57 -23.26 35.51
CA LYS B 324 3.86 -23.04 36.75
C LYS B 324 4.82 -22.85 37.92
N LEU B 325 5.87 -23.66 37.96
CA LEU B 325 6.82 -23.63 39.08
C LEU B 325 7.61 -22.31 39.15
N PHE B 326 7.99 -21.79 37.98
CA PHE B 326 8.79 -20.56 37.87
C PHE B 326 7.97 -19.30 37.55
N ASN B 327 6.64 -19.38 37.72
CA ASN B 327 5.74 -18.25 37.49
C ASN B 327 5.89 -17.61 36.10
N LEU B 328 6.28 -18.38 35.09
CA LEU B 328 6.31 -17.91 33.71
C LEU B 328 4.91 -17.65 33.14
N PRO B 329 4.79 -16.78 32.12
CA PRO B 329 3.45 -16.56 31.58
C PRO B 329 3.00 -17.73 30.71
N SER B 330 1.69 -17.86 30.51
CA SER B 330 1.11 -19.05 29.89
C SER B 330 0.92 -18.95 28.39
N SER B 331 1.11 -17.75 27.86
CA SER B 331 0.71 -17.41 26.49
C SER B 331 1.60 -17.95 25.36
N LYS B 332 2.91 -17.72 25.45
CA LYS B 332 3.85 -18.24 24.45
C LYS B 332 4.87 -19.17 25.10
N PRO B 333 5.55 -19.98 24.28
CA PRO B 333 6.71 -20.77 24.72
C PRO B 333 7.90 -19.94 25.21
N VAL B 334 8.57 -20.41 26.27
CA VAL B 334 9.81 -19.80 26.72
C VAL B 334 10.94 -20.81 26.94
N LEU B 335 10.59 -22.05 27.27
CA LEU B 335 11.60 -23.06 27.56
C LEU B 335 11.79 -24.09 26.45
N ARG B 336 11.50 -23.74 25.19
CA ARG B 336 11.73 -24.73 24.14
C ARG B 336 13.23 -24.79 23.93
N LEU B 337 13.74 -25.98 23.58
CA LEU B 337 15.17 -26.13 23.27
C LEU B 337 15.79 -25.04 22.36
N SER B 338 14.99 -24.43 21.49
CA SER B 338 15.54 -23.46 20.56
C SER B 338 15.72 -22.09 21.21
N GLN B 339 15.16 -21.93 22.39
CA GLN B 339 15.17 -20.63 23.03
C GLN B 339 16.30 -20.56 24.04
N ALA B 340 17.01 -21.68 24.18
CA ALA B 340 18.12 -21.72 25.11
C ALA B 340 19.25 -20.85 24.58
N LEU B 341 19.94 -20.15 25.48
CA LEU B 341 21.10 -19.32 25.10
C LEU B 341 22.25 -20.19 24.60
N ALA B 342 22.81 -19.88 23.45
CA ALA B 342 24.02 -20.58 23.05
C ALA B 342 25.18 -19.87 23.70
N LEU B 343 25.32 -20.03 25.02
CA LEU B 343 26.44 -19.44 25.75
C LEU B 343 27.79 -20.11 25.43
N HIS B 344 27.80 -21.43 25.38
CA HIS B 344 29.03 -22.18 25.14
C HIS B 344 29.29 -22.29 23.65
N SER B 345 30.55 -22.13 23.25
CA SER B 345 30.94 -22.16 21.84
C SER B 345 30.42 -23.37 21.05
N GLU B 346 30.12 -24.46 21.74
CA GLU B 346 29.68 -25.69 21.06
C GLU B 346 28.16 -25.86 21.00
N SER B 347 27.43 -24.79 21.29
CA SER B 347 25.99 -24.79 21.20
C SER B 347 25.60 -24.26 19.84
N ALA B 348 24.62 -24.91 19.20
CA ALA B 348 24.06 -24.41 17.94
C ALA B 348 23.49 -23.00 18.14
N ARG B 349 23.90 -22.04 17.31
CA ARG B 349 23.49 -20.66 17.55
C ARG B 349 22.08 -20.27 17.03
N LEU B 350 21.86 -20.38 15.73
CA LEU B 350 20.55 -20.09 15.08
C LEU B 350 19.95 -18.66 15.07
N THR B 351 20.55 -17.70 15.77
CA THR B 351 20.41 -16.29 15.43
C THR B 351 21.76 -15.65 15.63
N ASN B 352 22.17 -14.80 14.70
CA ASN B 352 23.50 -14.20 14.69
C ASN B 352 23.87 -13.56 16.02
N LYS B 353 25.07 -13.88 16.49
CA LYS B 353 25.51 -13.45 17.80
C LYS B 353 25.74 -11.93 17.85
N LYS B 354 26.06 -11.37 16.69
CA LYS B 354 26.41 -9.95 16.56
C LYS B 354 25.24 -9.00 16.84
N LEU B 355 24.05 -9.41 16.43
CA LEU B 355 22.84 -8.59 16.54
C LEU B 355 22.54 -8.09 17.97
N ILE B 356 21.75 -7.02 18.06
CA ILE B 356 21.30 -6.47 19.34
C ILE B 356 19.95 -7.09 19.73
N ARG B 357 19.84 -7.62 20.93
CA ARG B 357 18.56 -8.15 21.39
C ARG B 357 17.67 -6.92 21.61
N GLU B 358 16.51 -7.14 22.23
CA GLU B 358 15.51 -6.09 22.41
C GLU B 358 16.27 -4.81 22.72
N PRO B 359 16.12 -3.80 21.85
CA PRO B 359 16.77 -2.51 22.12
C PRO B 359 15.80 -1.58 22.80
N HIS B 360 14.51 -1.85 22.67
CA HIS B 360 13.52 -0.99 23.29
C HIS B 360 13.52 -1.09 24.81
N LEU B 361 14.02 -2.21 25.35
CA LEU B 361 14.01 -2.47 26.78
C LEU B 361 15.04 -1.65 27.55
N SER B 362 16.11 -1.29 26.83
CA SER B 362 17.16 -0.46 27.39
C SER B 362 16.90 1.03 27.15
N ILE B 363 15.64 1.46 27.33
CA ILE B 363 15.32 2.89 27.25
C ILE B 363 14.17 3.33 28.19
N THR B 364 14.55 3.97 29.28
CA THR B 364 13.61 4.35 30.33
C THR B 364 13.72 5.86 30.61
N ASN B 365 14.62 6.52 29.89
CA ASN B 365 14.85 7.95 30.12
C ASN B 365 13.76 8.85 29.53
N TYR B 366 12.64 8.26 29.10
CA TYR B 366 11.60 9.04 28.41
C TYR B 366 10.17 8.90 28.95
N GLN B 367 9.22 9.38 28.15
CA GLN B 367 7.83 9.63 28.53
C GLN B 367 6.66 8.65 28.68
N PRO B 368 6.31 8.38 29.94
CA PRO B 368 5.05 7.73 30.28
C PRO B 368 3.87 8.68 30.15
N VAL B 369 3.00 8.44 29.18
CA VAL B 369 1.98 9.43 28.77
C VAL B 369 0.67 8.72 29.19
N GLY B 370 0.18 7.79 28.36
CA GLY B 370 -1.04 7.07 28.67
C GLY B 370 -0.85 5.58 28.93
N GLU B 371 -1.85 4.77 28.60
CA GLU B 371 -1.76 3.32 28.75
C GLU B 371 -0.83 2.73 27.70
N ILE B 372 0.45 2.61 28.05
CA ILE B 372 1.48 2.12 27.15
C ILE B 372 1.39 0.59 26.97
N THR B 373 1.62 0.12 25.74
CA THR B 373 1.44 -1.30 25.40
C THR B 373 2.43 -1.70 24.32
N THR B 374 3.38 -2.57 24.63
CA THR B 374 4.43 -2.90 23.66
C THR B 374 4.46 -4.33 23.15
N VAL B 375 5.64 -4.70 22.67
CA VAL B 375 5.88 -5.99 22.05
C VAL B 375 6.24 -7.01 23.13
N ASN B 376 5.44 -8.06 23.23
CA ASN B 376 5.66 -9.08 24.25
C ASN B 376 6.59 -10.20 23.74
N GLY B 377 7.87 -10.09 24.06
CA GLY B 377 8.84 -11.10 23.67
C GLY B 377 10.15 -10.47 23.23
N PRO B 378 11.20 -11.30 23.09
CA PRO B 378 12.47 -10.85 22.53
C PRO B 378 12.44 -10.80 21.00
N TYR B 379 13.43 -10.13 20.41
CA TYR B 379 13.56 -9.96 18.96
C TYR B 379 14.89 -9.31 18.66
N ASN B 380 15.35 -9.46 17.43
CA ASN B 380 16.58 -8.81 17.04
C ASN B 380 16.32 -7.57 16.20
N TYR B 381 17.34 -6.72 16.11
CA TYR B 381 17.28 -5.47 15.39
C TYR B 381 18.12 -5.61 14.13
N HIS B 382 17.46 -6.02 13.05
CA HIS B 382 18.07 -5.97 11.73
C HIS B 382 17.92 -4.56 11.18
N HIS B 383 18.97 -4.08 10.54
CA HIS B 383 19.00 -2.76 9.93
C HIS B 383 19.95 -2.73 8.73
N TYR B 384 20.22 -1.53 8.23
CA TYR B 384 20.93 -1.36 6.96
C TYR B 384 22.37 -1.86 7.00
N MET B 385 22.82 -2.42 5.87
CA MET B 385 24.21 -2.86 5.64
C MET B 385 24.84 -3.72 6.76
N GLN B 386 24.18 -4.83 7.06
CA GLN B 386 24.61 -5.70 8.14
C GLN B 386 25.31 -6.95 7.61
N ASP B 387 24.60 -7.73 6.81
CA ASP B 387 25.11 -9.02 6.34
C ASP B 387 26.09 -8.90 5.18
N GLY B 388 27.00 -7.92 5.29
CA GLY B 388 27.98 -7.68 4.25
C GLY B 388 27.44 -6.78 3.16
N ILE B 389 26.22 -7.05 2.74
CA ILE B 389 25.58 -6.38 1.60
C ILE B 389 25.11 -4.96 1.92
N ASP B 390 25.12 -4.10 0.90
CA ASP B 390 24.62 -2.73 1.04
C ASP B 390 23.24 -2.56 0.38
N ASP B 391 22.33 -1.90 1.12
CA ASP B 391 20.95 -1.71 0.70
C ASP B 391 20.39 -0.34 1.11
N SER B 392 20.86 0.72 0.46
CA SER B 392 20.52 2.09 0.88
C SER B 392 19.10 2.54 0.47
N GLY B 393 18.62 2.06 -0.68
CA GLY B 393 17.35 2.52 -1.20
C GLY B 393 16.30 1.44 -1.32
N TRP B 394 16.72 0.21 -1.10
CA TRP B 394 15.85 -0.94 -1.32
C TRP B 394 15.87 -1.91 -0.13
N GLY B 395 16.35 -1.43 1.02
CA GLY B 395 16.46 -2.26 2.22
C GLY B 395 15.17 -2.32 3.02
N CYS B 396 14.54 -1.15 3.20
CA CYS B 396 13.13 -1.06 3.54
C CYS B 396 12.31 -1.88 2.53
N ALA B 397 11.76 -3.01 2.97
CA ALA B 397 11.92 -3.50 4.33
C ALA B 397 12.14 -5.00 4.29
N TYR B 398 13.31 -5.41 3.86
CA TYR B 398 13.74 -6.78 4.09
C TYR B 398 14.10 -6.89 5.57
N ARG B 399 14.90 -5.93 6.04
CA ARG B 399 15.24 -5.79 7.46
C ARG B 399 14.04 -5.91 8.40
N SER B 400 13.02 -5.09 8.19
CA SER B 400 11.85 -5.15 9.04
C SER B 400 11.19 -6.54 9.01
N PHE B 401 11.24 -7.20 7.86
CA PHE B 401 10.74 -8.57 7.77
C PHE B 401 11.59 -9.48 8.65
N GLN B 402 12.90 -9.31 8.56
CA GLN B 402 13.84 -10.09 9.34
C GLN B 402 13.61 -9.92 10.84
N THR B 403 13.52 -8.68 11.30
CA THR B 403 13.16 -8.42 12.68
C THR B 403 11.95 -9.25 13.15
N ILE B 404 10.95 -9.42 12.31
CA ILE B 404 9.78 -10.18 12.71
C ILE B 404 10.15 -11.65 12.83
N TRP B 405 10.89 -12.14 11.85
CA TRP B 405 11.31 -13.52 11.85
C TRP B 405 12.10 -13.80 13.11
N SER B 406 12.96 -12.84 13.48
CA SER B 406 13.81 -12.98 14.65
C SER B 406 12.97 -13.28 15.89
N TRP B 407 11.90 -12.52 16.08
CA TRP B 407 10.95 -12.70 17.16
C TRP B 407 10.39 -14.11 17.17
N PHE B 408 10.01 -14.62 16.00
CA PHE B 408 9.48 -15.98 15.94
C PHE B 408 10.52 -17.08 16.29
N ILE B 409 11.79 -16.80 16.07
CA ILE B 409 12.81 -17.72 16.55
C ILE B 409 12.93 -17.66 18.08
N LEU B 410 13.20 -16.46 18.59
CA LEU B 410 13.47 -16.23 19.99
C LEU B 410 12.28 -16.53 20.88
N ASN B 411 11.10 -16.70 20.28
CA ASN B 411 9.92 -17.05 21.06
C ASN B 411 9.49 -18.48 20.77
N GLY B 412 10.40 -19.24 20.17
CA GLY B 412 10.28 -20.68 20.10
C GLY B 412 9.22 -21.21 19.16
N TYR B 413 8.89 -20.45 18.12
CA TYR B 413 7.92 -20.91 17.14
C TYR B 413 8.60 -21.53 15.96
N THR B 414 9.90 -21.33 15.83
CA THR B 414 10.64 -21.98 14.77
C THR B 414 12.14 -22.06 15.05
N ASP B 415 12.80 -22.95 14.32
CA ASP B 415 14.25 -23.01 14.38
C ASP B 415 14.86 -22.67 13.03
N LYS B 416 14.01 -22.31 12.06
CA LYS B 416 14.48 -21.91 10.75
C LYS B 416 15.24 -20.60 10.88
N PRO B 417 16.42 -20.52 10.24
CA PRO B 417 17.21 -19.29 10.43
C PRO B 417 16.63 -18.10 9.62
N VAL B 418 16.81 -16.90 10.16
CA VAL B 418 16.41 -15.69 9.47
C VAL B 418 16.92 -15.71 8.03
N PRO B 419 16.00 -15.65 7.06
CA PRO B 419 16.27 -15.67 5.61
C PRO B 419 17.04 -14.43 5.15
N SER B 420 17.86 -14.63 4.11
CA SER B 420 18.68 -13.56 3.54
C SER B 420 17.89 -12.86 2.46
N HIS B 421 18.36 -11.68 2.05
CA HIS B 421 17.67 -10.92 1.01
C HIS B 421 17.34 -11.79 -0.18
N ARG B 422 18.34 -12.51 -0.69
CA ARG B 422 18.13 -13.43 -1.80
C ARG B 422 17.06 -14.48 -1.49
N GLU B 423 17.01 -14.93 -0.25
CA GLU B 423 16.07 -15.98 0.13
C GLU B 423 14.64 -15.45 0.11
N ILE B 424 14.50 -14.16 0.42
CA ILE B 424 13.19 -13.53 0.40
C ILE B 424 12.67 -13.55 -1.02
N GLN B 425 13.50 -13.03 -1.93
CA GLN B 425 13.17 -12.88 -3.34
C GLN B 425 12.79 -14.18 -4.03
N GLN B 426 13.52 -15.25 -3.75
CA GLN B 426 13.16 -16.54 -4.32
C GLN B 426 11.81 -17.06 -3.82
N ALA B 427 11.39 -16.62 -2.64
CA ALA B 427 10.09 -17.06 -2.09
C ALA B 427 8.91 -16.47 -2.86
N LEU B 428 9.14 -15.33 -3.50
CA LEU B 428 8.14 -14.62 -4.30
C LEU B 428 7.88 -15.26 -5.67
N VAL B 429 8.95 -15.66 -6.34
CA VAL B 429 8.86 -16.35 -7.63
C VAL B 429 8.32 -17.78 -7.46
N SER B 441 15.87 -9.30 -7.96
CA SER B 441 17.07 -9.11 -7.12
C SER B 441 17.45 -7.62 -7.05
N ARG B 442 17.66 -7.13 -5.82
CA ARG B 442 17.78 -5.69 -5.51
C ARG B 442 16.43 -4.88 -5.64
N GLN B 443 15.41 -5.52 -6.21
CA GLN B 443 14.06 -4.96 -6.34
C GLN B 443 13.32 -4.82 -5.01
N TRP B 444 13.18 -3.59 -4.51
CA TRP B 444 12.49 -3.35 -3.23
C TRP B 444 11.05 -3.91 -3.11
N ILE B 445 10.64 -4.22 -1.88
CA ILE B 445 9.31 -4.74 -1.59
C ILE B 445 8.60 -3.91 -0.52
N GLY B 446 7.40 -4.34 -0.14
CA GLY B 446 6.61 -3.66 0.87
C GLY B 446 5.60 -4.55 1.58
N SER B 447 4.60 -3.93 2.19
CA SER B 447 3.69 -4.63 3.10
C SER B 447 3.08 -5.93 2.60
N THR B 448 2.56 -5.94 1.38
CA THR B 448 1.81 -7.12 0.98
C THR B 448 2.68 -8.36 0.71
N GLU B 449 3.93 -8.14 0.31
CA GLU B 449 4.80 -9.26 -0.04
C GLU B 449 5.48 -9.87 1.17
N ILE B 450 5.89 -9.01 2.09
CA ILE B 450 6.29 -9.45 3.43
C ILE B 450 5.27 -10.44 3.98
N SER B 451 4.00 -10.06 3.97
CA SER B 451 2.92 -10.95 4.39
C SER B 451 2.92 -12.25 3.61
N PHE B 452 3.23 -12.14 2.32
CA PHE B 452 3.17 -13.31 1.46
C PHE B 452 4.26 -14.27 1.91
N VAL B 453 5.50 -13.76 1.97
CA VAL B 453 6.65 -14.55 2.35
C VAL B 453 6.50 -15.25 3.72
N LEU B 454 6.04 -14.51 4.72
CA LEU B 454 5.69 -15.10 6.02
C LEU B 454 4.71 -16.26 5.90
N ASN B 455 3.90 -16.26 4.85
CA ASN B 455 2.95 -17.33 4.66
C ASN B 455 3.63 -18.49 3.94
N GLU B 456 4.57 -18.13 3.07
CA GLU B 456 5.25 -19.11 2.23
C GLU B 456 6.25 -19.91 3.05
N LEU B 457 6.95 -19.21 3.94
CA LEU B 457 8.07 -19.80 4.67
C LEU B 457 7.69 -20.32 6.06
N LEU B 458 6.89 -19.56 6.80
CA LEU B 458 6.57 -19.97 8.16
C LEU B 458 5.17 -20.53 8.30
N LYS B 459 4.45 -20.67 7.19
CA LYS B 459 3.05 -21.08 7.24
C LYS B 459 2.38 -20.21 8.28
N LEU B 460 2.36 -18.91 8.03
CA LEU B 460 2.03 -17.94 9.06
C LEU B 460 1.05 -16.94 8.51
N GLU B 461 -0.06 -16.73 9.22
CA GLU B 461 -1.10 -15.85 8.72
C GLU B 461 -0.88 -14.42 9.22
N CYS B 462 -1.20 -13.45 8.36
CA CYS B 462 -1.12 -12.06 8.78
C CYS B 462 -2.48 -11.36 8.78
N ARG B 463 -2.57 -10.34 9.62
CA ARG B 463 -3.74 -9.48 9.71
C ARG B 463 -3.32 -8.10 9.18
N PHE B 464 -4.28 -7.32 8.67
CA PHE B 464 -3.92 -6.07 7.99
C PHE B 464 -4.57 -4.82 8.54
N ILE B 465 -3.79 -3.73 8.57
CA ILE B 465 -4.33 -2.42 8.90
C ILE B 465 -3.93 -1.40 7.82
N ALA B 466 -4.89 -1.03 6.98
CA ALA B 466 -4.69 -0.07 5.89
C ALA B 466 -5.35 1.26 6.17
N THR B 467 -4.64 2.36 5.92
CA THR B 467 -5.18 3.69 6.21
C THR B 467 -4.98 4.68 5.05
N ASN B 468 -6.05 5.39 4.70
CA ASN B 468 -6.01 6.46 3.68
C ASN B 468 -4.93 7.47 4.02
N SER B 469 -4.98 7.97 5.25
CA SER B 469 -4.07 9.02 5.69
C SER B 469 -3.04 8.53 6.72
N GLY B 470 -1.92 9.23 6.80
CA GLY B 470 -0.98 9.02 7.88
C GLY B 470 -1.51 9.57 9.20
N ALA B 471 -2.73 10.08 9.18
CA ALA B 471 -3.34 10.64 10.38
C ALA B 471 -4.50 9.77 10.78
N GLU B 472 -4.69 8.71 10.00
CA GLU B 472 -5.71 7.72 10.33
C GLU B 472 -5.09 6.57 11.11
N VAL B 473 -3.76 6.51 11.13
CA VAL B 473 -3.05 5.52 11.95
C VAL B 473 -3.18 5.89 13.42
N VAL B 474 -2.89 7.16 13.72
CA VAL B 474 -3.12 7.75 15.04
C VAL B 474 -4.53 7.47 15.52
N GLU B 475 -5.47 7.47 14.58
CA GLU B 475 -6.90 7.26 14.83
C GLU B 475 -7.25 5.79 15.09
N ARG B 476 -6.33 4.89 14.78
CA ARG B 476 -6.60 3.45 14.93
C ARG B 476 -5.63 2.75 15.91
N VAL B 477 -5.10 3.51 16.87
CA VAL B 477 -4.18 2.95 17.87
C VAL B 477 -4.82 1.87 18.75
N ARG B 478 -6.11 2.02 19.04
CA ARG B 478 -6.87 1.02 19.80
C ARG B 478 -6.84 -0.37 19.15
N GLU B 479 -6.73 -0.40 17.83
CA GLU B 479 -6.71 -1.67 17.10
C GLU B 479 -5.28 -2.21 17.12
N LEU B 480 -4.33 -1.29 17.32
CA LEU B 480 -2.91 -1.59 17.39
C LEU B 480 -2.54 -2.11 18.77
N ALA B 481 -3.08 -1.45 19.79
CA ALA B 481 -2.98 -1.89 21.17
C ALA B 481 -3.56 -3.30 21.32
N ARG B 482 -4.81 -3.47 20.90
CA ARG B 482 -5.47 -4.78 20.98
C ARG B 482 -4.63 -5.89 20.33
N HIS B 483 -3.92 -5.55 19.25
CA HIS B 483 -3.02 -6.51 18.61
C HIS B 483 -1.89 -6.87 19.56
N PHE B 484 -1.11 -5.86 19.98
CA PHE B 484 0.00 -6.04 20.92
C PHE B 484 -0.40 -6.80 22.19
N GLU B 485 -1.47 -6.33 22.83
CA GLU B 485 -2.07 -6.98 23.97
C GLU B 485 -2.30 -8.49 23.79
N THR B 486 -2.73 -8.90 22.59
CA THR B 486 -2.95 -10.33 22.33
C THR B 486 -1.74 -11.01 21.69
N SER B 487 -1.48 -10.70 20.42
CA SER B 487 -0.28 -11.17 19.73
C SER B 487 0.88 -10.24 20.07
N GLY B 488 2.04 -10.79 20.36
CA GLY B 488 3.09 -9.94 20.89
C GLY B 488 3.93 -9.27 19.82
N THR B 489 3.74 -9.74 18.58
CA THR B 489 4.67 -9.47 17.47
C THR B 489 4.87 -8.02 17.11
N PRO B 490 6.11 -7.66 16.73
CA PRO B 490 6.35 -6.34 16.14
C PRO B 490 5.59 -6.23 14.82
N VAL B 491 5.29 -4.99 14.42
CA VAL B 491 4.50 -4.76 13.21
C VAL B 491 5.29 -3.94 12.22
N MET B 492 5.27 -4.37 10.96
CA MET B 492 5.88 -3.61 9.87
C MET B 492 4.85 -2.62 9.31
N ILE B 493 5.22 -1.35 9.28
CA ILE B 493 4.40 -0.33 8.66
C ILE B 493 4.96 0.08 7.28
N GLY B 494 4.08 0.09 6.29
CA GLY B 494 4.43 0.46 4.94
C GLY B 494 4.02 1.89 4.66
N GLY B 495 5.02 2.73 4.43
CA GLY B 495 4.79 4.15 4.30
C GLY B 495 4.57 4.66 2.89
N ASN B 496 5.11 5.84 2.62
CA ASN B 496 5.20 6.24 1.24
C ASN B 496 6.25 5.53 0.38
N MET B 497 7.53 5.71 0.69
CA MET B 497 8.56 5.10 -0.11
C MET B 497 9.42 4.37 0.91
N LEU B 498 9.06 4.51 2.17
CA LEU B 498 9.84 3.92 3.25
C LEU B 498 9.03 3.02 4.19
N ALA B 499 9.71 2.07 4.81
CA ALA B 499 9.07 1.15 5.74
C ALA B 499 9.77 1.14 7.08
N HIS B 500 8.99 0.96 8.14
CA HIS B 500 9.49 1.04 9.50
C HIS B 500 8.93 -0.12 10.33
N THR B 501 9.40 -0.22 11.58
CA THR B 501 8.88 -1.23 12.51
C THR B 501 8.29 -0.61 13.77
N ILE B 502 7.02 -0.86 14.00
CA ILE B 502 6.36 -0.36 15.21
C ILE B 502 6.46 -1.40 16.31
N LEU B 503 7.06 -1.02 17.43
CA LEU B 503 7.17 -1.92 18.57
C LEU B 503 6.00 -1.73 19.55
N GLY B 504 5.45 -0.53 19.62
CA GLY B 504 4.46 -0.28 20.63
C GLY B 504 3.78 1.08 20.64
N VAL B 505 2.56 1.06 21.13
CA VAL B 505 1.67 2.20 21.13
C VAL B 505 1.60 2.85 22.53
N ASP B 506 1.09 4.09 22.61
CA ASP B 506 1.00 4.85 23.86
C ASP B 506 -0.03 5.97 23.77
N PHE B 507 -1.19 5.80 24.41
CA PHE B 507 -2.21 6.84 24.40
C PHE B 507 -3.28 6.74 25.51
N ASN B 508 -3.77 7.91 25.95
CA ASN B 508 -4.88 7.98 26.90
C ASN B 508 -6.21 8.27 26.21
N ASP B 509 -7.22 7.45 26.52
CA ASP B 509 -8.51 7.52 25.84
C ASP B 509 -9.28 8.81 26.11
N THR B 510 -9.03 9.43 27.26
CA THR B 510 -9.68 10.69 27.62
C THR B 510 -9.10 11.86 26.83
N THR B 511 -7.82 12.16 27.06
CA THR B 511 -7.13 13.25 26.35
C THR B 511 -7.12 12.99 24.83
N GLY B 512 -6.30 12.05 24.41
CA GLY B 512 -6.29 11.64 23.02
C GLY B 512 -4.90 11.59 22.41
N GLU B 513 -3.92 12.22 23.05
CA GLU B 513 -2.58 12.27 22.49
C GLU B 513 -1.99 10.88 22.34
N THR B 514 -1.22 10.69 21.28
CA THR B 514 -0.65 9.39 20.99
C THR B 514 0.82 9.53 20.60
N LYS B 515 1.63 8.55 21.04
CA LYS B 515 3.00 8.43 20.57
C LYS B 515 3.30 7.00 20.10
N PHE B 516 4.33 6.85 19.26
CA PHE B 516 4.62 5.55 18.63
C PHE B 516 6.05 5.05 18.90
N LEU B 517 6.17 3.81 19.36
CA LEU B 517 7.48 3.18 19.57
C LEU B 517 7.99 2.60 18.26
N VAL B 518 9.01 3.23 17.70
CA VAL B 518 9.41 2.95 16.34
C VAL B 518 10.85 2.44 16.26
N LEU B 519 11.05 1.35 15.53
CA LEU B 519 12.38 0.80 15.29
C LEU B 519 12.79 1.01 13.84
N ASP B 520 13.84 1.81 13.63
CA ASP B 520 14.18 2.27 12.29
C ASP B 520 15.17 1.35 11.53
N PRO B 521 14.70 0.67 10.48
CA PRO B 521 15.52 -0.25 9.69
C PRO B 521 16.60 0.42 8.85
N HIS B 522 16.74 1.73 8.98
CA HIS B 522 17.77 2.44 8.26
C HIS B 522 18.99 2.58 9.18
N TYR B 523 20.18 2.27 8.67
CA TYR B 523 21.44 2.27 9.45
C TYR B 523 21.22 3.47 10.39
N THR B 524 21.11 3.22 11.68
CA THR B 524 21.06 4.32 12.62
C THR B 524 21.87 3.67 13.75
N GLY B 525 23.07 3.18 13.40
CA GLY B 525 24.01 2.68 14.40
C GLY B 525 25.03 1.67 13.89
N SER B 526 26.17 1.60 14.58
CA SER B 526 27.23 0.61 14.28
C SER B 526 27.26 -0.47 15.37
N GLU B 527 26.08 -0.96 15.71
CA GLU B 527 25.86 -1.94 16.79
C GLU B 527 26.22 -1.36 18.15
N ASP B 528 26.24 -0.03 18.22
CA ASP B 528 26.43 0.70 19.47
C ASP B 528 25.07 1.10 20.01
N ILE B 529 24.55 0.41 21.02
CA ILE B 529 23.20 0.67 21.54
C ILE B 529 22.91 2.13 21.97
N LYS B 530 23.92 2.84 22.47
CA LYS B 530 23.70 4.24 22.86
C LYS B 530 23.44 5.20 21.67
N THR B 531 24.15 5.02 20.56
CA THR B 531 23.85 5.79 19.34
C THR B 531 22.50 5.37 18.76
N ILE B 532 21.91 4.31 19.30
CA ILE B 532 20.58 3.84 18.90
C ILE B 532 19.51 4.33 19.87
N THR B 533 19.76 4.13 21.16
CA THR B 533 18.71 4.25 22.18
C THR B 533 18.24 5.69 22.42
N SER B 534 19.17 6.63 22.42
CA SER B 534 18.87 8.03 22.69
C SER B 534 19.51 8.94 21.64
N LYS B 535 20.78 8.72 21.34
CA LYS B 535 21.51 9.55 20.38
C LYS B 535 21.17 9.22 18.92
N GLY B 536 19.91 8.89 18.71
CA GLY B 536 19.38 8.62 17.39
C GLY B 536 17.90 8.76 17.61
N TRP B 537 17.10 8.51 16.58
CA TRP B 537 15.66 8.65 16.70
C TRP B 537 14.97 7.29 16.81
N CYS B 538 15.73 6.26 17.20
CA CYS B 538 15.21 4.89 17.22
C CYS B 538 14.57 4.50 18.56
N ALA B 539 13.68 5.36 19.03
CA ALA B 539 12.87 5.11 20.21
C ALA B 539 11.43 5.53 19.91
N TRP B 540 10.89 6.41 20.76
CA TRP B 540 9.49 6.86 20.63
C TRP B 540 9.29 8.05 19.68
N LYS B 541 8.11 8.11 19.06
CA LYS B 541 7.79 9.17 18.12
C LYS B 541 6.40 9.75 18.39
N PRO B 542 6.20 11.05 18.07
CA PRO B 542 4.90 11.71 18.21
C PRO B 542 3.95 11.31 17.08
N ALA B 543 2.65 11.57 17.22
CA ALA B 543 1.67 11.20 16.18
C ALA B 543 2.01 11.80 14.81
N SER B 544 2.66 12.96 14.82
CA SER B 544 3.11 13.65 13.61
C SER B 544 4.47 13.13 13.14
N PHE B 545 4.56 11.82 12.90
CA PHE B 545 5.76 11.21 12.37
C PHE B 545 5.42 10.65 10.99
N TRP B 546 4.18 10.19 10.88
CA TRP B 546 3.67 9.73 9.60
C TRP B 546 3.14 10.91 8.79
N SER B 547 3.59 11.02 7.54
CA SER B 547 3.10 12.03 6.60
C SER B 547 1.59 11.86 6.40
N LYS B 548 0.86 12.95 6.54
CA LYS B 548 -0.59 12.95 6.45
C LYS B 548 -1.07 12.75 5.00
N ASP B 549 -0.25 13.17 4.05
CA ASP B 549 -0.57 13.08 2.63
C ASP B 549 -0.82 11.65 2.19
N HIS B 550 0.19 10.80 2.31
CA HIS B 550 0.12 9.43 1.77
C HIS B 550 -0.56 8.42 2.68
N PHE B 551 -0.80 7.23 2.11
CA PHE B 551 -1.37 6.14 2.87
C PHE B 551 -0.31 5.25 3.47
N TYR B 552 -0.71 4.59 4.55
CA TYR B 552 0.16 3.73 5.33
C TYR B 552 -0.45 2.36 5.47
N ASN B 553 0.41 1.36 5.52
CA ASN B 553 -0.04 -0.01 5.69
C ASN B 553 0.72 -0.84 6.69
N MET B 554 0.00 -1.35 7.67
CA MET B 554 0.58 -2.17 8.72
C MET B 554 0.25 -3.64 8.50
N VAL B 555 1.29 -4.46 8.60
CA VAL B 555 1.11 -5.91 8.57
C VAL B 555 1.33 -6.46 10.00
N LEU B 556 0.33 -7.23 10.46
CA LEU B 556 0.27 -7.72 11.83
C LEU B 556 0.49 -9.24 11.88
N PRO B 557 1.71 -9.68 12.24
CA PRO B 557 1.97 -11.13 12.31
C PRO B 557 1.14 -11.81 13.39
N GLN B 558 0.63 -13.00 13.06
CA GLN B 558 -0.37 -13.69 13.85
C GLN B 558 0.18 -15.05 14.29
N PRO B 559 0.68 -15.15 15.55
CA PRO B 559 1.32 -16.35 16.12
C PRO B 559 0.32 -17.43 16.56
N PRO B 560 0.68 -18.72 16.39
CA PRO B 560 -0.12 -19.91 16.74
C PRO B 560 -0.62 -19.83 18.19
N SER B 561 -1.66 -20.59 18.54
CA SER B 561 -2.42 -20.26 19.75
C SER B 561 -2.01 -20.97 21.04
N ASP B 562 -1.90 -22.29 20.98
CA ASP B 562 -1.68 -23.07 22.20
C ASP B 562 -0.28 -23.64 22.21
N ALA B 563 0.65 -22.92 21.60
CA ALA B 563 2.06 -23.31 21.62
C ALA B 563 2.66 -22.94 22.97
N ILE B 564 3.64 -23.72 23.39
CA ILE B 564 4.21 -23.63 24.72
C ILE B 564 5.28 -24.72 24.79
#